data_2J9O
#
_entry.id   2J9O
#
_cell.length_a   86.611
_cell.length_b   91.462
_cell.length_c   145.585
_cell.angle_alpha   90.00
_cell.angle_beta   90.00
_cell.angle_gamma   90.00
#
_symmetry.space_group_name_H-M   'P 21 21 21'
#
loop_
_entity.id
_entity.type
_entity.pdbx_description
1 polymer 'TLL2115 PROTEIN'
2 non-polymer GLYCEROL
3 water water
#
_entity_poly.entity_id   1
_entity_poly.type   'polypeptide(L)'
_entity_poly.pdbx_seq_one_letter_code
;MPAPEAPTSTLPPERPLTNLQQQIQQLVSRQPNLTAGLYFFNLDSGASLNVGGDQVFPAASTIKFPILVAFFKAVDEGRV
TLQERLTMRPDLIAPEAGTLQYQKPNSQYAALEVAELMITISDNTATNMIIDRLGGAAELNQQFQEWGLENTVINNPEPD
MKGTNTTSPRDLATLMLKIGQGEILSPRSRDRLLDIMRRTVTNTLLPAGLGKGATIAHKTGDIGIVVGDAGMVDMPNGQR
YVAAMMVKRPYNDPRGSELIRQVSRMVYQAFEKLSPPEQKLISEEDLNSAVDHHHHHH
;
_entity_poly.pdbx_strand_id   A,B,C,D
#
loop_
_chem_comp.id
_chem_comp.type
_chem_comp.name
_chem_comp.formula
GOL non-polymer GLYCEROL 'C3 H8 O3'
#
# COMPACT_ATOMS: atom_id res chain seq x y z
N LEU A 11 -7.31 -16.58 40.68
CA LEU A 11 -6.94 -15.17 40.95
C LEU A 11 -7.95 -14.52 41.91
N PRO A 12 -7.50 -13.50 42.66
CA PRO A 12 -8.39 -12.80 43.55
C PRO A 12 -9.29 -11.87 42.74
N PRO A 13 -10.42 -11.46 43.34
CA PRO A 13 -11.28 -10.55 42.60
C PRO A 13 -10.65 -9.18 42.41
N GLU A 14 -11.04 -8.52 41.32
CA GLU A 14 -10.66 -7.15 41.02
C GLU A 14 -11.22 -6.24 42.13
N ARG A 15 -10.35 -5.41 42.74
CA ARG A 15 -10.75 -4.45 43.78
C ARG A 15 -10.14 -3.08 43.49
N PRO A 16 -10.92 -2.18 42.87
CA PRO A 16 -10.42 -0.84 42.58
C PRO A 16 -9.70 -0.18 43.77
N LEU A 17 -8.52 0.37 43.50
CA LEU A 17 -7.84 1.25 44.42
C LEU A 17 -8.35 2.64 44.11
N THR A 18 -9.41 3.02 44.84
CA THR A 18 -10.20 4.21 44.57
C THR A 18 -9.37 5.48 44.70
N ASN A 19 -8.66 5.58 45.82
CA ASN A 19 -7.76 6.72 46.10
C ASN A 19 -6.74 6.93 44.99
N LEU A 20 -5.95 5.90 44.71
CA LEU A 20 -4.89 5.98 43.72
C LEU A 20 -5.44 6.20 42.31
N GLN A 21 -6.58 5.57 41.99
CA GLN A 21 -7.24 5.80 40.71
C GLN A 21 -7.57 7.27 40.53
N GLN A 22 -8.15 7.85 41.57
CA GLN A 22 -8.49 9.27 41.58
C GLN A 22 -7.27 10.17 41.33
N GLN A 23 -6.16 9.94 42.04
CA GLN A 23 -4.90 10.67 41.83
C GLN A 23 -4.30 10.57 40.41
N ILE A 24 -4.48 9.42 39.79
CA ILE A 24 -3.93 9.22 38.46
C ILE A 24 -4.82 9.99 37.48
N GLN A 25 -6.13 9.91 37.66
CA GLN A 25 -7.07 10.63 36.79
C GLN A 25 -6.84 12.14 36.83
N GLN A 26 -6.37 12.64 37.97
CA GLN A 26 -6.05 14.07 38.14
C GLN A 26 -4.79 14.47 37.43
N LEU A 27 -3.76 13.63 37.54
CA LEU A 27 -2.50 13.85 36.86
C LEU A 27 -2.74 13.87 35.36
N VAL A 28 -3.53 12.91 34.90
CA VAL A 28 -3.87 12.72 33.49
C VAL A 28 -4.61 13.94 32.93
N SER A 29 -5.73 14.25 33.55
CA SER A 29 -6.68 15.22 33.06
C SER A 29 -6.20 16.65 33.12
N ARG A 30 -5.12 16.93 33.83
CA ARG A 30 -4.61 18.30 33.93
C ARG A 30 -3.54 18.59 32.86
N GLN A 31 -3.39 17.67 31.90
CA GLN A 31 -2.44 17.79 30.82
C GLN A 31 -3.21 18.13 29.55
N PRO A 32 -3.10 19.38 29.02
CA PRO A 32 -4.02 19.68 27.91
C PRO A 32 -3.95 18.69 26.72
N ASN A 33 -2.84 18.68 25.98
CA ASN A 33 -2.81 18.01 24.69
C ASN A 33 -2.36 16.55 24.74
N LEU A 34 -2.68 15.89 25.86
CA LEU A 34 -2.44 14.46 26.00
C LEU A 34 -3.75 13.75 26.25
N THR A 35 -3.88 12.57 25.64
CA THR A 35 -5.03 11.71 25.88
C THR A 35 -4.45 10.38 26.34
N ALA A 36 -4.62 10.06 27.62
CA ALA A 36 -4.07 8.81 28.17
C ALA A 36 -5.13 7.75 28.41
N GLY A 37 -4.72 6.48 28.30
CA GLY A 37 -5.52 5.35 28.76
C GLY A 37 -4.61 4.36 29.44
N LEU A 38 -5.09 3.73 30.51
CA LEU A 38 -4.26 2.83 31.31
C LEU A 38 -5.08 1.81 32.10
N TYR A 39 -4.44 0.66 32.34
CA TYR A 39 -5.04 -0.41 33.15
C TYR A 39 -3.92 -1.17 33.86
N PHE A 40 -4.04 -1.28 35.18
CA PHE A 40 -3.14 -2.06 36.02
C PHE A 40 -3.93 -3.04 36.85
N PHE A 41 -3.38 -4.23 37.08
CA PHE A 41 -4.01 -5.20 37.96
C PHE A 41 -3.01 -6.01 38.75
N ASN A 42 -3.18 -5.99 40.06
CA ASN A 42 -2.31 -6.72 40.99
C ASN A 42 -2.78 -8.16 41.22
N LEU A 43 -1.96 -9.15 40.86
CA LEU A 43 -2.40 -10.55 40.96
C LEU A 43 -2.57 -11.11 42.38
N ASP A 44 -1.86 -10.54 43.34
CA ASP A 44 -1.91 -11.00 44.74
C ASP A 44 -3.07 -10.36 45.49
N SER A 45 -3.18 -9.04 45.38
CA SER A 45 -4.17 -8.31 46.14
C SER A 45 -5.50 -8.14 45.39
N GLY A 46 -5.48 -8.27 44.07
CA GLY A 46 -6.63 -7.91 43.25
C GLY A 46 -6.82 -6.43 42.98
N ALA A 47 -5.94 -5.60 43.52
CA ALA A 47 -6.02 -4.15 43.35
C ALA A 47 -5.94 -3.82 41.87
N SER A 48 -6.86 -2.97 41.40
CA SER A 48 -6.89 -2.60 40.00
C SER A 48 -6.97 -1.08 39.80
N LEU A 49 -6.53 -0.64 38.62
CA LEU A 49 -6.54 0.75 38.22
C LEU A 49 -7.01 0.81 36.78
N ASN A 50 -8.06 1.59 36.52
CA ASN A 50 -8.61 1.71 35.19
C ASN A 50 -8.94 3.18 34.91
N VAL A 51 -8.06 3.84 34.15
CA VAL A 51 -8.20 5.24 33.74
C VAL A 51 -8.15 5.36 32.21
N GLY A 52 -9.31 5.29 31.57
CA GLY A 52 -9.37 5.20 30.10
C GLY A 52 -8.80 3.91 29.54
N GLY A 53 -8.75 2.88 30.37
CA GLY A 53 -8.23 1.56 30.01
C GLY A 53 -8.95 0.83 28.89
N ASP A 54 -10.25 1.11 28.73
CA ASP A 54 -11.04 0.43 27.71
C ASP A 54 -11.09 1.15 26.37
N GLN A 55 -10.51 2.34 26.31
CA GLN A 55 -10.56 3.14 25.12
C GLN A 55 -9.64 2.57 24.05
N VAL A 56 -10.04 2.69 22.80
CA VAL A 56 -9.22 2.28 21.66
C VAL A 56 -8.15 3.34 21.28
N PHE A 57 -6.92 2.88 21.07
CA PHE A 57 -5.81 3.73 20.70
C PHE A 57 -5.15 3.12 19.48
N PRO A 58 -4.44 3.94 18.70
CA PRO A 58 -3.50 3.37 17.77
C PRO A 58 -2.55 2.53 18.62
N ALA A 59 -2.30 1.29 18.22
CA ALA A 59 -1.47 0.38 18.99
C ALA A 59 -0.01 0.71 18.91
N ALA A 60 0.38 1.34 17.80
CA ALA A 60 1.78 1.45 17.47
C ALA A 60 2.41 0.02 17.59
N SER A 61 3.66 -0.04 18.03
CA SER A 61 4.32 -1.34 18.09
C SER A 61 3.86 -2.24 19.24
N THR A 62 2.95 -1.78 20.10
CA THR A 62 2.45 -2.64 21.19
C THR A 62 1.74 -3.88 20.71
N ILE A 63 1.18 -3.81 19.51
CA ILE A 63 0.50 -4.92 18.91
C ILE A 63 1.42 -6.06 18.55
N LYS A 64 2.73 -5.83 18.56
CA LYS A 64 3.71 -6.87 18.28
C LYS A 64 3.66 -7.92 19.39
N PHE A 65 3.24 -7.51 20.61
CA PHE A 65 3.05 -8.48 21.69
C PHE A 65 1.98 -9.56 21.36
N PRO A 66 0.72 -9.16 21.08
CA PRO A 66 -0.28 -10.12 20.54
C PRO A 66 0.22 -10.93 19.37
N ILE A 67 0.98 -10.30 18.48
CA ILE A 67 1.48 -11.04 17.32
C ILE A 67 2.43 -12.13 17.78
N LEU A 68 3.30 -11.81 18.74
CA LEU A 68 4.24 -12.82 19.28
C LEU A 68 3.48 -14.01 19.89
N VAL A 69 2.40 -13.71 20.61
CA VAL A 69 1.57 -14.75 21.19
C VAL A 69 1.06 -15.66 20.08
N ALA A 70 0.59 -15.05 18.98
CA ALA A 70 0.07 -15.84 17.86
C ALA A 70 1.12 -16.69 17.20
N PHE A 71 2.33 -16.17 17.18
CA PHE A 71 3.48 -16.92 16.68
C PHE A 71 3.71 -18.18 17.47
N PHE A 72 3.85 -18.05 18.79
CA PHE A 72 4.04 -19.23 19.60
C PHE A 72 2.84 -20.18 19.68
N LYS A 73 1.63 -19.64 19.56
CA LYS A 73 0.45 -20.52 19.36
C LYS A 73 0.66 -21.37 18.14
N ALA A 74 1.07 -20.80 17.01
CA ALA A 74 1.31 -21.61 15.79
C ALA A 74 2.42 -22.62 15.99
N VAL A 75 3.44 -22.26 16.75
CA VAL A 75 4.51 -23.23 17.01
C VAL A 75 3.94 -24.38 17.83
N ASP A 76 3.20 -24.04 18.88
CA ASP A 76 2.57 -25.07 19.76
C ASP A 76 1.71 -26.01 18.93
N GLU A 77 1.01 -25.47 17.95
CA GLU A 77 0.07 -26.26 17.14
C GLU A 77 0.76 -26.97 15.96
N GLY A 78 2.07 -26.82 15.83
CA GLY A 78 2.83 -27.47 14.76
C GLY A 78 2.63 -26.88 13.38
N ARG A 79 2.06 -25.67 13.30
CA ARG A 79 1.75 -24.98 12.05
C ARG A 79 2.96 -24.16 11.58
N VAL A 80 3.78 -23.71 12.52
CA VAL A 80 5.07 -23.08 12.27
C VAL A 80 6.13 -23.79 13.12
N THR A 81 7.35 -23.90 12.62
CA THR A 81 8.46 -24.36 13.46
C THR A 81 9.44 -23.20 13.78
N LEU A 82 10.21 -23.38 14.85
CA LEU A 82 11.13 -22.34 15.30
C LEU A 82 12.29 -22.13 14.32
N GLN A 83 12.67 -23.22 13.66
CA GLN A 83 13.82 -23.18 12.71
C GLN A 83 13.44 -23.03 11.25
N GLU A 84 12.18 -23.06 10.90
CA GLU A 84 11.88 -22.93 9.49
C GLU A 84 12.35 -21.57 8.98
N ARG A 85 12.71 -21.52 7.70
CA ARG A 85 13.21 -20.31 7.09
C ARG A 85 12.10 -19.42 6.51
N LEU A 86 12.12 -18.14 6.90
CA LEU A 86 11.17 -17.17 6.42
C LEU A 86 11.91 -16.26 5.44
N THR A 87 11.22 -15.86 4.38
CA THR A 87 11.83 -15.05 3.30
C THR A 87 11.42 -13.61 3.44
N MET A 88 12.39 -12.71 3.36
CA MET A 88 12.15 -11.28 3.51
C MET A 88 11.78 -10.81 2.10
N ARG A 89 10.51 -10.98 1.75
CA ARG A 89 10.04 -10.61 0.39
C ARG A 89 10.01 -9.12 0.28
N PRO A 90 10.31 -8.60 -0.91
CA PRO A 90 10.20 -7.17 -1.11
C PRO A 90 8.91 -6.55 -0.59
N ASP A 91 7.78 -7.24 -0.73
CA ASP A 91 6.50 -6.66 -0.32
C ASP A 91 6.35 -6.60 1.20
N LEU A 92 7.24 -7.27 1.92
CA LEU A 92 7.23 -7.24 3.39
C LEU A 92 8.25 -6.27 3.99
N ILE A 93 9.22 -5.82 3.20
CA ILE A 93 10.26 -4.92 3.71
C ILE A 93 9.64 -3.58 4.07
N ALA A 94 10.06 -3.03 5.22
CA ALA A 94 9.43 -1.86 5.81
C ALA A 94 10.53 -1.05 6.47
N PRO A 95 10.40 0.30 6.49
CA PRO A 95 11.32 1.21 7.08
C PRO A 95 11.13 1.34 8.60
N GLU A 96 11.66 2.40 9.17
CA GLU A 96 11.55 2.68 10.61
C GLU A 96 12.29 1.57 11.36
N ALA A 97 11.89 1.23 12.58
CA ALA A 97 12.72 0.32 13.39
C ALA A 97 12.98 -1.04 12.72
N GLY A 98 14.21 -1.52 12.92
CA GLY A 98 14.61 -2.83 12.48
C GLY A 98 15.95 -2.92 11.78
N THR A 99 16.51 -4.12 11.77
CA THR A 99 17.75 -4.41 11.10
C THR A 99 17.57 -5.25 9.86
N LEU A 100 16.50 -6.04 9.73
CA LEU A 100 16.37 -6.89 8.55
C LEU A 100 16.32 -6.09 7.25
N GLN A 101 15.78 -4.88 7.31
CA GLN A 101 15.58 -4.03 6.14
C GLN A 101 16.86 -3.72 5.43
N TYR A 102 18.00 -3.88 6.08
CA TYR A 102 19.29 -3.55 5.45
C TYR A 102 19.92 -4.76 4.79
N GLN A 103 19.30 -5.93 4.96
CA GLN A 103 19.73 -7.16 4.31
C GLN A 103 19.17 -7.29 2.87
N LYS A 104 19.76 -8.21 2.13
CA LYS A 104 19.37 -8.47 0.76
C LYS A 104 17.89 -8.91 0.67
N PRO A 105 17.09 -8.24 -0.20
CA PRO A 105 15.73 -8.74 -0.42
C PRO A 105 15.68 -10.21 -0.80
N ASN A 106 14.61 -10.88 -0.37
CA ASN A 106 14.45 -12.32 -0.53
C ASN A 106 15.51 -13.22 0.19
N SER A 107 16.33 -12.63 1.08
CA SER A 107 17.19 -13.40 1.98
C SER A 107 16.25 -14.02 3.05
N GLN A 108 16.76 -15.03 3.75
CA GLN A 108 15.90 -15.87 4.61
C GLN A 108 16.42 -15.94 6.05
N TYR A 109 15.52 -16.10 7.02
CA TYR A 109 15.86 -16.03 8.46
C TYR A 109 15.07 -17.12 9.19
N ALA A 110 15.66 -17.72 10.22
CA ALA A 110 14.90 -18.65 11.07
C ALA A 110 13.73 -17.92 11.68
N ALA A 111 12.57 -18.58 11.68
CA ALA A 111 11.34 -18.00 12.20
C ALA A 111 11.55 -17.44 13.60
N LEU A 112 12.20 -18.18 14.52
CA LEU A 112 12.33 -17.69 15.90
C LEU A 112 13.15 -16.41 15.94
N GLU A 113 14.23 -16.35 15.16
CA GLU A 113 15.02 -15.10 15.07
C GLU A 113 14.22 -13.90 14.63
N VAL A 114 13.34 -14.12 13.65
CA VAL A 114 12.48 -13.07 13.13
C VAL A 114 11.47 -12.61 14.18
N ALA A 115 10.84 -13.57 14.84
CA ALA A 115 9.92 -13.27 15.91
C ALA A 115 10.58 -12.49 17.02
N GLU A 116 11.80 -12.89 17.39
CA GLU A 116 12.52 -12.20 18.43
C GLU A 116 12.84 -10.75 18.04
N LEU A 117 13.31 -10.54 16.81
CA LEU A 117 13.62 -9.17 16.36
C LEU A 117 12.39 -8.23 16.31
N MET A 118 11.27 -8.80 15.94
CA MET A 118 9.99 -8.14 16.00
C MET A 118 9.76 -7.49 17.34
N ILE A 119 10.18 -8.18 18.40
CA ILE A 119 9.97 -7.69 19.74
C ILE A 119 11.15 -6.91 20.33
N THR A 120 12.36 -7.42 20.26
CA THR A 120 13.46 -6.85 21.01
C THR A 120 13.80 -5.46 20.47
N ILE A 121 13.75 -5.34 19.15
CA ILE A 121 14.07 -4.03 18.52
C ILE A 121 12.89 -3.48 17.72
N SER A 122 11.72 -4.11 17.83
CA SER A 122 10.49 -3.62 17.19
C SER A 122 10.61 -3.64 15.70
N ASP A 123 11.35 -4.61 15.18
CA ASP A 123 11.63 -4.71 13.72
C ASP A 123 10.33 -4.81 12.91
N ASN A 124 10.07 -3.80 12.08
CA ASN A 124 8.83 -3.75 11.31
C ASN A 124 8.77 -4.73 10.13
N THR A 125 9.93 -4.98 9.52
CA THR A 125 10.06 -5.97 8.46
C THR A 125 9.82 -7.36 9.05
N ALA A 126 10.42 -7.63 10.20
CA ALA A 126 10.25 -8.93 10.89
C ALA A 126 8.78 -9.07 11.18
N THR A 127 8.15 -8.00 11.65
CA THR A 127 6.71 -8.07 12.01
C THR A 127 5.83 -8.41 10.82
N ASN A 128 6.07 -7.76 9.70
CA ASN A 128 5.35 -8.14 8.47
C ASN A 128 5.59 -9.56 8.02
N MET A 129 6.80 -10.06 8.22
CA MET A 129 7.16 -11.44 7.90
C MET A 129 6.35 -12.39 8.75
N ILE A 130 6.24 -12.08 10.03
CA ILE A 130 5.50 -12.97 10.93
C ILE A 130 4.00 -12.92 10.64
N ILE A 131 3.45 -11.71 10.49
CA ILE A 131 2.02 -11.56 10.19
C ILE A 131 1.65 -12.34 8.92
N ASP A 132 2.50 -12.22 7.90
CA ASP A 132 2.28 -12.98 6.67
C ASP A 132 2.37 -14.51 6.86
N ARG A 133 3.35 -14.99 7.61
CA ARG A 133 3.55 -16.41 7.80
C ARG A 133 2.39 -17.02 8.58
N LEU A 134 1.78 -16.23 9.46
CA LEU A 134 0.71 -16.70 10.34
C LEU A 134 -0.66 -16.58 9.66
N GLY A 135 -0.66 -16.23 8.40
CA GLY A 135 -1.88 -16.32 7.59
C GLY A 135 -2.47 -14.97 7.24
N GLY A 136 -1.78 -13.90 7.60
CA GLY A 136 -2.24 -12.56 7.39
C GLY A 136 -3.05 -11.92 8.50
N ALA A 137 -3.31 -10.63 8.32
CA ALA A 137 -4.02 -9.81 9.28
C ALA A 137 -5.37 -10.34 9.69
N ALA A 138 -6.20 -10.71 8.73
CA ALA A 138 -7.52 -11.20 9.10
C ALA A 138 -7.44 -12.41 10.02
N GLU A 139 -6.57 -13.36 9.70
CA GLU A 139 -6.40 -14.59 10.49
C GLU A 139 -5.99 -14.26 11.94
N LEU A 140 -5.06 -13.33 12.07
CA LEU A 140 -4.64 -12.89 13.42
C LEU A 140 -5.73 -12.15 14.15
N ASN A 141 -6.47 -11.28 13.46
CA ASN A 141 -7.55 -10.52 14.08
C ASN A 141 -8.58 -11.45 14.70
N GLN A 142 -8.86 -12.54 13.99
CA GLN A 142 -9.73 -13.61 14.47
C GLN A 142 -9.20 -14.22 15.77
N GLN A 143 -7.91 -14.56 15.77
CA GLN A 143 -7.25 -15.11 16.98
C GLN A 143 -7.34 -14.13 18.16
N PHE A 144 -7.13 -12.85 17.90
CA PHE A 144 -7.14 -11.87 18.98
C PHE A 144 -8.52 -11.81 19.61
N GLN A 145 -9.55 -11.88 18.77
CA GLN A 145 -10.92 -11.93 19.27
C GLN A 145 -11.16 -13.16 20.14
N GLU A 146 -10.64 -14.31 19.71
CA GLU A 146 -10.78 -15.56 20.47
C GLU A 146 -10.22 -15.44 21.90
N TRP A 147 -9.11 -14.71 22.05
CA TRP A 147 -8.47 -14.49 23.38
C TRP A 147 -9.15 -13.43 24.23
N GLY A 148 -10.23 -12.84 23.73
CA GLY A 148 -11.00 -11.75 24.41
C GLY A 148 -10.49 -10.33 24.23
N LEU A 149 -9.60 -10.13 23.26
CA LEU A 149 -9.11 -8.82 22.92
C LEU A 149 -10.25 -8.22 22.08
N GLU A 150 -10.79 -7.13 22.55
CA GLU A 150 -12.00 -6.58 21.94
C GLU A 150 -11.68 -5.52 20.90
N ASN A 151 -10.54 -4.88 21.03
CA ASN A 151 -10.23 -3.75 20.18
C ASN A 151 -8.85 -3.80 19.61
N THR A 152 -8.29 -5.01 19.56
CA THR A 152 -6.96 -5.18 19.03
C THR A 152 -7.09 -5.72 17.60
N VAL A 153 -6.77 -4.81 16.65
CA VAL A 153 -6.98 -5.06 15.22
C VAL A 153 -5.80 -4.57 14.38
N ILE A 154 -5.35 -5.44 13.47
CA ILE A 154 -4.33 -5.13 12.50
C ILE A 154 -5.06 -4.75 11.19
N ASN A 155 -4.94 -3.47 10.86
CA ASN A 155 -5.58 -2.90 9.68
C ASN A 155 -4.59 -2.72 8.54
N ASN A 156 -3.31 -2.51 8.87
CA ASN A 156 -2.27 -2.37 7.85
C ASN A 156 -0.88 -2.93 8.25
N PRO A 157 -0.02 -3.16 7.26
CA PRO A 157 1.36 -3.51 7.61
C PRO A 157 2.10 -2.50 8.48
N GLU A 158 3.16 -2.96 9.11
CA GLU A 158 4.02 -2.06 9.83
C GLU A 158 4.99 -1.35 8.86
N PRO A 159 5.54 -0.20 9.26
CA PRO A 159 5.35 0.43 10.57
C PRO A 159 4.02 1.09 10.90
N ASP A 160 3.12 1.17 9.94
CA ASP A 160 1.80 1.75 10.20
C ASP A 160 1.90 3.07 10.97
N MET A 161 2.66 4.02 10.42
CA MET A 161 2.95 5.28 11.12
C MET A 161 1.73 6.18 11.28
N LYS A 162 0.75 5.93 10.44
CA LYS A 162 -0.54 6.62 10.48
C LYS A 162 -1.41 6.15 11.63
N GLY A 163 -1.06 4.97 12.18
CA GLY A 163 -1.70 4.48 13.37
C GLY A 163 -3.03 3.78 13.16
N THR A 164 -3.16 3.06 12.05
CA THR A 164 -4.44 2.40 11.68
C THR A 164 -4.72 1.15 12.53
N ASN A 165 -3.64 0.50 12.97
CA ASN A 165 -3.74 -0.70 13.80
C ASN A 165 -4.12 -0.25 15.23
N THR A 166 -5.03 -0.96 15.87
CA THR A 166 -5.56 -0.54 17.16
C THR A 166 -5.34 -1.57 18.26
N THR A 167 -5.45 -1.09 19.49
CA THR A 167 -5.58 -1.91 20.68
C THR A 167 -6.18 -1.07 21.81
N SER A 168 -6.28 -1.66 23.00
CA SER A 168 -6.63 -0.94 24.24
C SER A 168 -5.71 -1.33 25.38
N PRO A 169 -5.54 -0.44 26.38
CA PRO A 169 -4.72 -0.82 27.55
C PRO A 169 -5.24 -2.11 28.22
N ARG A 170 -6.55 -2.21 28.46
CA ARG A 170 -7.16 -3.42 29.00
C ARG A 170 -6.85 -4.68 28.14
N ASP A 171 -6.92 -4.57 26.81
CA ASP A 171 -6.61 -5.72 25.96
C ASP A 171 -5.18 -6.21 26.23
N LEU A 172 -4.24 -5.28 26.19
CA LEU A 172 -2.83 -5.63 26.34
C LEU A 172 -2.54 -6.25 27.71
N ALA A 173 -3.03 -5.62 28.77
CA ALA A 173 -2.78 -6.08 30.12
C ALA A 173 -3.46 -7.42 30.41
N THR A 174 -4.68 -7.58 29.90
CA THR A 174 -5.41 -8.82 30.16
C THR A 174 -4.78 -9.99 29.38
N LEU A 175 -4.31 -9.71 28.16
CA LEU A 175 -3.56 -10.78 27.46
C LEU A 175 -2.35 -11.14 28.30
N MET A 176 -1.62 -10.15 28.81
CA MET A 176 -0.44 -10.49 29.60
C MET A 176 -0.83 -11.26 30.88
N LEU A 177 -1.95 -10.90 31.50
CA LEU A 177 -2.46 -11.63 32.66
C LEU A 177 -2.63 -13.10 32.31
N LYS A 178 -3.32 -13.37 31.20
CA LYS A 178 -3.56 -14.73 30.80
C LYS A 178 -2.23 -15.47 30.59
N ILE A 179 -1.30 -14.86 29.86
CA ILE A 179 -0.01 -15.47 29.56
C ILE A 179 0.74 -15.74 30.88
N GLY A 180 0.73 -14.76 31.76
CA GLY A 180 1.40 -14.90 33.04
C GLY A 180 0.88 -16.05 33.87
N GLN A 181 -0.42 -16.24 33.81
CA GLN A 181 -1.10 -17.29 34.51
C GLN A 181 -1.08 -18.66 33.81
N GLY A 182 -0.42 -18.75 32.66
CA GLY A 182 -0.22 -19.98 31.94
C GLY A 182 -1.32 -20.38 30.95
N GLU A 183 -2.14 -19.39 30.60
CA GLU A 183 -3.14 -19.62 29.55
C GLU A 183 -2.53 -19.37 28.16
N ILE A 184 -3.24 -19.96 27.19
CA ILE A 184 -3.05 -19.73 25.74
C ILE A 184 -1.88 -20.51 25.18
N LEU A 185 -0.67 -20.32 25.73
CA LEU A 185 0.55 -20.93 25.28
C LEU A 185 0.97 -22.06 26.17
N SER A 186 1.73 -22.96 25.59
CA SER A 186 2.35 -24.02 26.34
C SER A 186 3.38 -23.42 27.30
N PRO A 187 3.73 -24.18 28.32
CA PRO A 187 4.82 -23.70 29.23
C PRO A 187 6.11 -23.35 28.48
N ARG A 188 6.55 -24.15 27.51
CA ARG A 188 7.77 -23.87 26.78
C ARG A 188 7.66 -22.57 25.99
N SER A 189 6.56 -22.38 25.28
CA SER A 189 6.37 -21.15 24.51
C SER A 189 6.22 -19.90 25.39
N ARG A 190 5.45 -20.01 26.50
CA ARG A 190 5.30 -18.97 27.49
C ARG A 190 6.65 -18.44 27.95
N ASP A 191 7.49 -19.39 28.33
CA ASP A 191 8.81 -18.98 28.91
C ASP A 191 9.69 -18.38 27.87
N ARG A 192 9.59 -18.85 26.65
CA ARG A 192 10.37 -18.24 25.54
C ARG A 192 9.89 -16.80 25.32
N LEU A 193 8.58 -16.63 25.28
CA LEU A 193 7.97 -15.34 25.07
C LEU A 193 8.41 -14.36 26.14
N LEU A 194 8.36 -14.76 27.41
CA LEU A 194 8.73 -13.86 28.51
C LEU A 194 10.20 -13.51 28.43
N ASP A 195 11.04 -14.46 28.09
CA ASP A 195 12.48 -14.18 27.94
C ASP A 195 12.70 -13.07 26.89
N ILE A 196 12.12 -13.26 25.73
CA ILE A 196 12.22 -12.29 24.65
C ILE A 196 11.72 -10.91 25.10
N MET A 197 10.61 -10.83 25.85
CA MET A 197 10.04 -9.58 26.27
C MET A 197 10.74 -8.92 27.46
N ARG A 198 11.71 -9.63 28.03
CA ARG A 198 12.66 -9.07 29.00
C ARG A 198 13.91 -8.51 28.36
N ARG A 199 14.06 -8.67 27.05
CA ARG A 199 15.29 -8.34 26.33
C ARG A 199 15.07 -7.27 25.27
N THR A 200 14.02 -6.47 25.44
CA THR A 200 13.78 -5.36 24.52
C THR A 200 14.77 -4.22 24.82
N VAL A 201 14.93 -3.34 23.83
CA VAL A 201 15.93 -2.29 23.93
C VAL A 201 15.34 -0.93 24.22
N THR A 202 14.04 -0.87 24.43
CA THR A 202 13.39 0.38 24.77
C THR A 202 12.72 0.30 26.13
N ASN A 203 13.38 0.86 27.14
CA ASN A 203 12.96 0.67 28.52
C ASN A 203 12.80 1.97 29.28
N THR A 204 12.46 3.01 28.53
CA THR A 204 12.31 4.35 29.04
C THR A 204 10.89 4.64 29.48
N LEU A 205 9.95 3.69 29.35
CA LEU A 205 8.56 3.98 29.73
C LEU A 205 8.20 3.26 31.06
N LEU A 206 7.42 2.17 31.05
CA LEU A 206 7.08 1.52 32.31
C LEU A 206 8.27 1.14 33.17
N PRO A 207 9.33 0.59 32.58
CA PRO A 207 10.45 0.17 33.42
C PRO A 207 11.12 1.29 34.20
N ALA A 208 11.06 2.51 33.66
CA ALA A 208 11.72 3.66 34.30
C ALA A 208 10.99 4.14 35.55
N GLY A 209 9.79 3.64 35.81
CA GLY A 209 9.11 3.92 37.05
C GLY A 209 9.27 2.85 38.12
N LEU A 210 9.95 1.75 37.83
CA LEU A 210 10.05 0.64 38.75
C LEU A 210 11.27 0.82 39.70
N GLY A 211 11.08 0.25 40.89
CA GLY A 211 12.11 0.24 41.92
C GLY A 211 13.22 -0.73 41.61
N LYS A 212 14.31 -0.59 42.34
CA LYS A 212 15.46 -1.43 42.12
C LYS A 212 15.10 -2.89 42.37
N GLY A 213 15.54 -3.77 41.47
CA GLY A 213 15.29 -5.19 41.60
C GLY A 213 14.00 -5.73 40.96
N ALA A 214 13.10 -4.85 40.54
CA ALA A 214 11.91 -5.28 39.84
C ALA A 214 12.33 -5.72 38.43
N THR A 215 11.57 -6.64 37.88
CA THR A 215 11.76 -7.06 36.50
C THR A 215 10.45 -6.85 35.75
N ILE A 216 10.58 -6.73 34.43
CA ILE A 216 9.43 -6.45 33.61
C ILE A 216 9.61 -7.06 32.25
N ALA A 217 8.61 -7.82 31.84
CA ALA A 217 8.48 -8.30 30.48
C ALA A 217 7.47 -7.37 29.82
N HIS A 218 7.81 -6.73 28.70
CA HIS A 218 6.94 -5.71 28.15
C HIS A 218 7.25 -5.44 26.69
N LYS A 219 6.39 -4.64 26.06
CA LYS A 219 6.64 -4.18 24.70
C LYS A 219 6.09 -2.76 24.57
N THR A 220 6.98 -1.85 24.17
CA THR A 220 6.67 -0.45 23.92
C THR A 220 6.09 -0.24 22.52
N GLY A 221 5.43 0.90 22.35
CA GLY A 221 5.09 1.37 21.02
C GLY A 221 5.16 2.87 20.93
N ASP A 222 5.66 3.37 19.79
CA ASP A 222 5.82 4.83 19.59
C ASP A 222 5.73 5.10 18.11
N ILE A 223 4.72 5.88 17.72
CA ILE A 223 4.58 6.38 16.34
C ILE A 223 4.64 7.90 16.37
N GLY A 224 5.18 8.45 17.44
CA GLY A 224 5.40 9.91 17.54
C GLY A 224 4.14 10.54 18.07
N ILE A 225 3.07 10.33 17.33
CA ILE A 225 1.72 10.72 17.71
C ILE A 225 0.99 9.88 18.78
N VAL A 226 1.52 8.70 19.10
CA VAL A 226 1.00 7.89 20.19
C VAL A 226 2.23 7.19 20.80
N VAL A 227 2.29 7.08 22.12
CA VAL A 227 3.37 6.35 22.84
C VAL A 227 2.72 5.48 23.92
N GLY A 228 3.23 4.26 24.11
CA GLY A 228 2.63 3.34 25.06
C GLY A 228 3.54 2.17 25.37
N ASP A 229 3.12 1.41 26.37
CA ASP A 229 3.88 0.26 26.87
C ASP A 229 2.95 -0.65 27.61
N ALA A 230 3.26 -1.94 27.62
CA ALA A 230 2.40 -2.93 28.35
C ALA A 230 3.26 -4.10 28.76
N GLY A 231 3.00 -4.62 29.95
CA GLY A 231 3.67 -5.85 30.35
C GLY A 231 3.36 -6.32 31.75
N MET A 232 4.28 -7.12 32.29
CA MET A 232 4.11 -7.77 33.56
C MET A 232 5.34 -7.45 34.42
N VAL A 233 5.07 -6.96 35.61
CA VAL A 233 6.10 -6.58 36.57
C VAL A 233 6.15 -7.54 37.71
N ASP A 234 7.36 -7.99 38.05
CA ASP A 234 7.62 -8.74 39.27
C ASP A 234 8.42 -7.87 40.21
N MET A 235 7.86 -7.67 41.39
CA MET A 235 8.45 -6.84 42.40
C MET A 235 9.32 -7.71 43.32
N PRO A 236 10.40 -7.14 43.87
CA PRO A 236 11.26 -7.83 44.82
C PRO A 236 10.53 -8.33 46.06
N ASN A 237 9.40 -7.71 46.42
CA ASN A 237 8.59 -8.14 47.57
C ASN A 237 7.77 -9.41 47.28
N GLY A 238 7.75 -9.83 46.01
CA GLY A 238 7.06 -11.06 45.66
C GLY A 238 5.80 -10.80 44.85
N GLN A 239 5.29 -9.58 44.90
CA GLN A 239 4.06 -9.24 44.17
C GLN A 239 4.30 -9.22 42.65
N ARG A 240 3.20 -9.41 41.94
CA ARG A 240 3.17 -9.41 40.48
C ARG A 240 2.00 -8.56 40.04
N TYR A 241 2.18 -7.74 39.01
CA TYR A 241 1.05 -7.00 38.41
C TYR A 241 1.22 -6.83 36.93
N VAL A 242 0.10 -6.70 36.23
CA VAL A 242 0.15 -6.36 34.83
C VAL A 242 -0.15 -4.89 34.69
N ALA A 243 0.35 -4.30 33.60
CA ALA A 243 0.30 -2.84 33.38
C ALA A 243 0.26 -2.53 31.89
N ALA A 244 -0.54 -1.52 31.50
CA ALA A 244 -0.58 -1.06 30.12
C ALA A 244 -1.02 0.39 30.14
N MET A 245 -0.36 1.19 29.36
CA MET A 245 -0.74 2.61 29.23
C MET A 245 -0.38 3.11 27.88
N MET A 246 -1.29 3.91 27.28
CA MET A 246 -1.15 4.49 25.93
C MET A 246 -1.44 5.97 26.05
N VAL A 247 -0.70 6.80 25.33
CA VAL A 247 -0.88 8.26 25.40
C VAL A 247 -0.86 8.80 24.00
N LYS A 248 -1.91 9.55 23.65
CA LYS A 248 -1.95 10.33 22.40
C LYS A 248 -1.26 11.68 22.67
N ARG A 249 -0.28 12.04 21.84
CA ARG A 249 0.54 13.22 22.08
C ARG A 249 0.84 14.02 20.80
N PRO A 250 1.22 15.30 20.98
CA PRO A 250 1.88 15.98 19.87
C PRO A 250 3.18 15.26 19.53
N TYR A 251 3.51 15.24 18.24
CA TYR A 251 4.61 14.45 17.72
C TYR A 251 5.89 14.53 18.56
N ASN A 252 6.30 13.38 19.06
CA ASN A 252 7.49 13.23 19.90
C ASN A 252 7.52 14.15 21.12
N ASP A 253 6.34 14.49 21.65
CA ASP A 253 6.25 15.34 22.86
C ASP A 253 6.77 14.59 24.11
N PRO A 254 7.85 15.08 24.73
CA PRO A 254 8.41 14.38 25.89
C PRO A 254 7.46 14.25 27.08
N ARG A 255 6.46 15.12 27.15
CA ARG A 255 5.44 15.04 28.19
C ARG A 255 4.68 13.71 28.18
N GLY A 256 4.45 13.13 27.00
CA GLY A 256 3.71 11.86 26.88
C GLY A 256 4.46 10.70 27.49
N SER A 257 5.74 10.63 27.17
CA SER A 257 6.59 9.58 27.70
C SER A 257 6.84 9.79 29.19
N GLU A 258 7.12 11.01 29.62
CA GLU A 258 7.21 11.29 31.06
C GLU A 258 5.92 10.94 31.84
N LEU A 259 4.76 11.14 31.25
CA LEU A 259 3.50 10.81 31.92
C LEU A 259 3.44 9.30 32.24
N ILE A 260 3.92 8.45 31.33
CA ILE A 260 3.88 7.01 31.56
C ILE A 260 4.82 6.67 32.69
N ARG A 261 6.01 7.26 32.68
CA ARG A 261 6.96 7.07 33.75
C ARG A 261 6.40 7.45 35.10
N GLN A 262 5.72 8.60 35.16
CA GLN A 262 5.09 9.04 36.38
C GLN A 262 4.02 8.10 36.89
N VAL A 263 3.12 7.65 36.00
CA VAL A 263 2.08 6.73 36.42
C VAL A 263 2.72 5.39 36.84
N SER A 264 3.74 4.96 36.12
CA SER A 264 4.41 3.69 36.48
C SER A 264 4.97 3.77 37.89
N ARG A 265 5.59 4.90 38.22
CA ARG A 265 6.20 5.10 39.53
C ARG A 265 5.10 5.15 40.61
N MET A 266 4.01 5.86 40.35
CA MET A 266 2.94 6.00 41.35
C MET A 266 2.37 4.64 41.77
N VAL A 267 2.19 3.78 40.78
CA VAL A 267 1.57 2.50 41.02
C VAL A 267 2.58 1.60 41.71
N TYR A 268 3.82 1.63 41.24
CA TYR A 268 4.83 0.78 41.84
C TYR A 268 4.98 1.07 43.33
N GLN A 269 5.09 2.35 43.64
CA GLN A 269 5.22 2.80 45.01
C GLN A 269 3.97 2.51 45.85
N ALA A 270 2.76 2.61 45.26
CA ALA A 270 1.53 2.22 45.97
C ALA A 270 1.53 0.74 46.34
N PHE A 271 1.92 -0.13 45.42
CA PHE A 271 1.99 -1.55 45.74
C PHE A 271 3.12 -1.89 46.71
N GLU A 272 4.21 -1.13 46.67
CA GLU A 272 5.28 -1.25 47.68
C GLU A 272 4.73 -0.99 49.11
N LYS A 273 3.93 0.07 49.26
CA LYS A 273 3.40 0.47 50.58
C LYS A 273 2.29 -0.44 51.04
N LEU A 274 1.66 -1.14 50.10
CA LEU A 274 0.61 -2.11 50.39
C LEU A 274 1.16 -3.53 50.31
N THR B 10 -47.95 -22.88 14.79
CA THR B 10 -48.08 -23.15 13.32
C THR B 10 -47.32 -22.11 12.50
N LEU B 11 -46.33 -22.55 11.73
CA LEU B 11 -45.55 -21.64 10.90
C LEU B 11 -46.35 -21.19 9.68
N PRO B 12 -46.07 -19.96 9.17
CA PRO B 12 -46.67 -19.51 7.93
C PRO B 12 -45.98 -20.22 6.77
N PRO B 13 -46.59 -20.21 5.58
CA PRO B 13 -46.01 -20.83 4.40
C PRO B 13 -44.81 -20.06 3.86
N GLU B 14 -43.92 -20.73 3.14
CA GLU B 14 -42.85 -20.04 2.45
C GLU B 14 -43.40 -19.04 1.46
N ARG B 15 -42.92 -17.81 1.55
CA ARG B 15 -43.22 -16.75 0.60
C ARG B 15 -41.93 -16.11 0.07
N PRO B 16 -41.41 -16.60 -1.07
CA PRO B 16 -40.15 -16.12 -1.63
C PRO B 16 -40.12 -14.62 -1.83
N LEU B 17 -39.03 -13.99 -1.40
CA LEU B 17 -38.71 -12.62 -1.76
C LEU B 17 -38.05 -12.67 -3.12
N THR B 18 -38.86 -12.62 -4.17
CA THR B 18 -38.41 -12.98 -5.48
C THR B 18 -37.39 -12.03 -6.05
N ASN B 19 -37.53 -10.74 -5.80
CA ASN B 19 -36.59 -9.79 -6.35
C ASN B 19 -35.23 -9.94 -5.65
N LEU B 20 -35.25 -10.04 -4.34
CA LEU B 20 -34.04 -10.23 -3.56
C LEU B 20 -33.38 -11.53 -3.96
N GLN B 21 -34.19 -12.58 -4.12
CA GLN B 21 -33.66 -13.87 -4.53
C GLN B 21 -32.95 -13.82 -5.85
N GLN B 22 -33.53 -13.08 -6.81
CA GLN B 22 -32.87 -12.85 -8.08
C GLN B 22 -31.53 -12.16 -7.96
N GLN B 23 -31.47 -11.13 -7.13
CA GLN B 23 -30.23 -10.40 -6.87
C GLN B 23 -29.18 -11.37 -6.29
N ILE B 24 -29.61 -12.23 -5.37
CA ILE B 24 -28.67 -13.15 -4.72
C ILE B 24 -28.16 -14.17 -5.72
N GLN B 25 -29.09 -14.74 -6.49
CA GLN B 25 -28.77 -15.69 -7.54
C GLN B 25 -27.76 -15.10 -8.54
N GLN B 26 -27.99 -13.86 -8.94
CA GLN B 26 -27.03 -13.19 -9.83
C GLN B 26 -25.68 -12.93 -9.18
N LEU B 27 -25.72 -12.51 -7.90
CA LEU B 27 -24.49 -12.26 -7.12
C LEU B 27 -23.62 -13.51 -7.07
N VAL B 28 -24.24 -14.65 -6.81
CA VAL B 28 -23.49 -15.90 -6.67
C VAL B 28 -22.91 -16.32 -8.00
N SER B 29 -23.71 -16.20 -9.05
CA SER B 29 -23.34 -16.63 -10.39
C SER B 29 -22.20 -15.85 -11.05
N ARG B 30 -21.94 -14.63 -10.60
CA ARG B 30 -20.82 -13.89 -11.18
C ARG B 30 -19.52 -14.09 -10.39
N GLN B 31 -19.54 -15.11 -9.53
CA GLN B 31 -18.36 -15.64 -8.88
C GLN B 31 -18.21 -17.11 -9.32
N PRO B 32 -17.62 -17.35 -10.48
CA PRO B 32 -17.67 -18.69 -11.07
C PRO B 32 -16.86 -19.78 -10.36
N ASN B 33 -15.79 -19.40 -9.65
CA ASN B 33 -15.03 -20.39 -8.91
C ASN B 33 -15.74 -20.82 -7.60
N LEU B 34 -16.83 -20.14 -7.26
CA LEU B 34 -17.64 -20.42 -6.07
C LEU B 34 -18.92 -21.13 -6.47
N THR B 35 -19.34 -22.14 -5.68
CA THR B 35 -20.71 -22.67 -5.82
C THR B 35 -21.36 -22.62 -4.44
N ALA B 36 -22.49 -21.96 -4.41
CA ALA B 36 -23.20 -21.57 -3.17
C ALA B 36 -24.53 -22.29 -3.07
N GLY B 37 -24.92 -22.60 -1.84
CA GLY B 37 -26.30 -23.02 -1.58
C GLY B 37 -26.75 -22.28 -0.35
N LEU B 38 -27.99 -21.84 -0.32
CA LEU B 38 -28.51 -21.03 0.80
C LEU B 38 -30.02 -21.15 1.00
N TYR B 39 -30.44 -21.12 2.24
CA TYR B 39 -31.82 -21.18 2.59
C TYR B 39 -32.08 -20.25 3.80
N PHE B 40 -33.02 -19.33 3.70
CA PHE B 40 -33.46 -18.47 4.76
C PHE B 40 -34.98 -18.56 4.88
N PHE B 41 -35.52 -18.49 6.09
CA PHE B 41 -36.94 -18.53 6.33
C PHE B 41 -37.29 -17.74 7.59
N ASN B 42 -38.16 -16.76 7.40
CA ASN B 42 -38.63 -15.92 8.46
C ASN B 42 -39.84 -16.57 9.10
N LEU B 43 -39.77 -16.86 10.41
CA LEU B 43 -40.81 -17.67 11.08
C LEU B 43 -42.07 -16.83 11.25
N ASP B 44 -41.93 -15.52 11.17
CA ASP B 44 -43.06 -14.62 11.38
C ASP B 44 -43.80 -14.23 10.09
N SER B 45 -43.07 -13.82 9.07
CA SER B 45 -43.68 -13.41 7.82
C SER B 45 -43.79 -14.53 6.76
N GLY B 46 -43.07 -15.64 6.98
CA GLY B 46 -42.86 -16.67 5.96
C GLY B 46 -41.90 -16.31 4.84
N ALA B 47 -41.30 -15.10 4.85
CA ALA B 47 -40.44 -14.69 3.77
C ALA B 47 -39.30 -15.69 3.67
N SER B 48 -38.98 -16.09 2.45
CA SER B 48 -38.00 -17.12 2.26
C SER B 48 -37.03 -16.75 1.09
N LEU B 49 -35.82 -17.27 1.15
CA LEU B 49 -34.84 -17.27 0.07
C LEU B 49 -34.31 -18.69 -0.04
N ASN B 50 -34.20 -19.18 -1.25
CA ASN B 50 -33.69 -20.53 -1.50
C ASN B 50 -32.96 -20.51 -2.84
N VAL B 51 -31.63 -20.42 -2.81
CA VAL B 51 -30.79 -20.56 -3.99
C VAL B 51 -29.85 -21.72 -3.74
N GLY B 52 -30.13 -22.88 -4.33
CA GLY B 52 -29.30 -24.06 -4.06
C GLY B 52 -29.40 -24.58 -2.64
N GLY B 53 -30.47 -24.21 -1.93
CA GLY B 53 -30.63 -24.62 -0.54
C GLY B 53 -30.89 -26.06 -0.28
N ASP B 54 -31.38 -26.77 -1.27
CA ASP B 54 -31.53 -28.23 -1.17
C ASP B 54 -30.39 -29.03 -1.77
N GLN B 55 -29.37 -28.34 -2.25
CA GLN B 55 -28.19 -29.02 -2.74
C GLN B 55 -27.34 -29.57 -1.58
N VAL B 56 -26.72 -30.73 -1.80
CA VAL B 56 -25.79 -31.36 -0.84
C VAL B 56 -24.41 -30.73 -0.90
N PHE B 57 -23.80 -30.56 0.26
CA PHE B 57 -22.47 -29.96 0.36
C PHE B 57 -21.66 -30.77 1.37
N PRO B 58 -20.33 -30.74 1.25
CA PRO B 58 -19.50 -31.09 2.40
C PRO B 58 -19.90 -30.19 3.56
N ALA B 59 -20.19 -30.82 4.70
CA ALA B 59 -20.67 -30.08 5.89
C ALA B 59 -19.60 -29.27 6.56
N ALA B 60 -18.35 -29.72 6.50
CA ALA B 60 -17.33 -29.18 7.36
C ALA B 60 -17.90 -29.20 8.80
N SER B 61 -17.51 -28.25 9.64
CA SER B 61 -17.95 -28.25 11.04
C SER B 61 -19.39 -27.96 11.28
N THR B 62 -20.20 -27.61 10.27
CA THR B 62 -21.58 -27.32 10.52
C THR B 62 -22.33 -28.54 11.08
N ILE B 63 -21.85 -29.74 10.78
CA ILE B 63 -22.54 -30.94 11.23
C ILE B 63 -22.39 -31.13 12.75
N LYS B 64 -21.52 -30.37 13.37
CA LYS B 64 -21.48 -30.38 14.86
C LYS B 64 -22.78 -29.91 15.56
N PHE B 65 -23.58 -29.13 14.84
CA PHE B 65 -24.87 -28.66 15.38
C PHE B 65 -25.84 -29.86 15.51
N PRO B 66 -26.11 -30.60 14.43
CA PRO B 66 -26.87 -31.88 14.58
C PRO B 66 -26.34 -32.87 15.66
N ILE B 67 -25.03 -32.92 15.80
CA ILE B 67 -24.42 -33.78 16.83
C ILE B 67 -24.73 -33.26 18.20
N LEU B 68 -24.69 -31.94 18.39
CA LEU B 68 -25.10 -31.35 19.67
C LEU B 68 -26.53 -31.66 20.02
N VAL B 69 -27.46 -31.53 19.05
CA VAL B 69 -28.84 -31.90 19.32
C VAL B 69 -28.99 -33.36 19.78
N ALA B 70 -28.24 -34.25 19.15
CA ALA B 70 -28.26 -35.66 19.52
C ALA B 70 -27.74 -35.84 20.96
N PHE B 71 -26.72 -35.10 21.29
CA PHE B 71 -26.18 -35.10 22.66
C PHE B 71 -27.26 -34.72 23.68
N PHE B 72 -27.93 -33.62 23.46
CA PHE B 72 -28.95 -33.22 24.43
C PHE B 72 -30.18 -34.11 24.48
N LYS B 73 -30.49 -34.74 23.36
CA LYS B 73 -31.56 -35.72 23.35
C LYS B 73 -31.19 -36.86 24.24
N ALA B 74 -29.96 -37.34 24.14
CA ALA B 74 -29.49 -38.39 25.03
C ALA B 74 -29.52 -37.98 26.49
N VAL B 75 -29.22 -36.72 26.79
CA VAL B 75 -29.31 -36.21 28.16
C VAL B 75 -30.75 -36.17 28.65
N ASP B 76 -31.63 -35.65 27.81
CA ASP B 76 -33.06 -35.66 28.14
C ASP B 76 -33.60 -37.05 28.40
N GLU B 77 -33.12 -38.04 27.66
CA GLU B 77 -33.57 -39.43 27.78
C GLU B 77 -32.86 -40.22 28.87
N GLY B 78 -31.96 -39.57 29.61
CA GLY B 78 -31.23 -40.24 30.69
C GLY B 78 -30.12 -41.20 30.30
N ARG B 79 -29.76 -41.22 29.01
CA ARG B 79 -28.66 -42.04 28.51
C ARG B 79 -27.28 -41.47 28.76
N VAL B 80 -27.21 -40.14 28.85
CA VAL B 80 -25.98 -39.39 29.12
C VAL B 80 -26.36 -38.37 30.19
N THR B 81 -25.42 -38.02 31.06
CA THR B 81 -25.61 -36.92 31.99
C THR B 81 -24.62 -35.82 31.63
N LEU B 82 -24.93 -34.61 32.05
CA LEU B 82 -24.05 -33.48 31.81
C LEU B 82 -22.72 -33.62 32.55
N GLN B 83 -22.73 -34.33 33.68
CA GLN B 83 -21.60 -34.32 34.60
C GLN B 83 -20.72 -35.55 34.49
N GLU B 84 -21.17 -36.54 33.76
CA GLU B 84 -20.33 -37.71 33.64
C GLU B 84 -19.02 -37.42 32.98
N ARG B 85 -18.01 -38.17 33.38
CA ARG B 85 -16.69 -37.96 32.86
C ARG B 85 -16.45 -38.77 31.63
N LEU B 86 -15.99 -38.06 30.58
CA LEU B 86 -15.59 -38.69 29.34
C LEU B 86 -14.08 -38.69 29.23
N THR B 87 -13.54 -39.78 28.69
CA THR B 87 -12.10 -39.96 28.64
C THR B 87 -11.55 -39.64 27.27
N MET B 88 -10.50 -38.83 27.19
CA MET B 88 -9.91 -38.49 25.91
C MET B 88 -8.91 -39.60 25.54
N ARG B 89 -9.45 -40.69 25.02
CA ARG B 89 -8.59 -41.81 24.68
C ARG B 89 -7.73 -41.50 23.47
N PRO B 90 -6.54 -42.08 23.39
CA PRO B 90 -5.73 -41.77 22.25
C PRO B 90 -6.43 -41.91 20.92
N ASP B 91 -7.35 -42.86 20.80
CA ASP B 91 -7.95 -43.15 19.48
C ASP B 91 -8.95 -42.07 19.03
N LEU B 92 -9.34 -41.22 19.97
CA LEU B 92 -10.26 -40.14 19.69
C LEU B 92 -9.59 -38.82 19.37
N ILE B 93 -8.30 -38.71 19.64
CA ILE B 93 -7.60 -37.43 19.48
C ILE B 93 -7.46 -37.14 18.01
N ALA B 94 -7.75 -35.89 17.67
CA ALA B 94 -7.74 -35.44 16.27
C ALA B 94 -7.13 -34.05 16.18
N PRO B 95 -6.54 -33.72 15.03
CA PRO B 95 -5.90 -32.43 14.83
C PRO B 95 -6.89 -31.32 14.38
N GLU B 96 -6.30 -30.22 13.92
CA GLU B 96 -7.00 -29.01 13.51
C GLU B 96 -7.65 -28.29 14.72
N ALA B 97 -8.87 -27.76 14.59
CA ALA B 97 -9.49 -26.97 15.63
C ALA B 97 -9.68 -27.82 16.87
N GLY B 98 -9.41 -27.21 17.99
CA GLY B 98 -9.65 -27.79 19.30
C GLY B 98 -8.47 -27.68 20.24
N THR B 99 -8.77 -27.66 21.53
CA THR B 99 -7.79 -27.55 22.63
C THR B 99 -7.57 -28.87 23.33
N LEU B 100 -8.51 -29.80 23.30
CA LEU B 100 -8.31 -31.05 24.04
C LEU B 100 -7.10 -31.84 23.57
N GLN B 101 -6.80 -31.74 22.29
CA GLN B 101 -5.73 -32.51 21.75
C GLN B 101 -4.38 -32.19 22.39
N TYR B 102 -4.28 -31.02 23.05
CA TYR B 102 -3.01 -30.60 23.66
C TYR B 102 -2.90 -30.94 25.15
N GLN B 103 -3.89 -31.68 25.63
CA GLN B 103 -3.91 -32.16 27.00
C GLN B 103 -3.34 -33.56 27.03
N LYS B 104 -3.16 -34.12 28.21
CA LYS B 104 -2.56 -35.44 28.24
C LYS B 104 -3.58 -36.48 27.82
N PRO B 105 -3.14 -37.48 27.03
CA PRO B 105 -4.01 -38.57 26.70
C PRO B 105 -4.63 -39.20 27.95
N ASN B 106 -5.89 -39.57 27.80
CA ASN B 106 -6.71 -40.17 28.87
C ASN B 106 -7.14 -39.24 29.98
N SER B 107 -6.90 -37.95 29.79
CA SER B 107 -7.50 -36.93 30.67
C SER B 107 -9.01 -37.00 30.51
N GLN B 108 -9.73 -36.59 31.55
CA GLN B 108 -11.18 -36.71 31.61
C GLN B 108 -11.83 -35.36 31.78
N TYR B 109 -13.01 -35.26 31.21
CA TYR B 109 -13.74 -34.01 31.10
C TYR B 109 -15.24 -34.30 31.30
N ALA B 110 -15.97 -33.36 31.88
CA ALA B 110 -17.40 -33.47 32.01
C ALA B 110 -18.02 -33.52 30.60
N ALA B 111 -18.99 -34.37 30.40
CA ALA B 111 -19.61 -34.53 29.06
C ALA B 111 -20.11 -33.19 28.54
N LEU B 112 -20.70 -32.40 29.40
CA LEU B 112 -21.16 -31.06 28.98
C LEU B 112 -20.01 -30.20 28.43
N GLU B 113 -18.89 -30.18 29.13
CA GLU B 113 -17.69 -29.44 28.71
C GLU B 113 -17.25 -29.85 27.34
N VAL B 114 -17.21 -31.15 27.10
CA VAL B 114 -16.84 -31.68 25.79
C VAL B 114 -17.83 -31.23 24.69
N ALA B 115 -19.12 -31.37 24.95
CA ALA B 115 -20.13 -30.96 24.00
C ALA B 115 -20.02 -29.48 23.72
N GLU B 116 -19.75 -28.67 24.73
CA GLU B 116 -19.60 -27.20 24.55
C GLU B 116 -18.41 -26.93 23.63
N LEU B 117 -17.24 -27.55 23.87
CA LEU B 117 -16.02 -27.28 23.08
C LEU B 117 -16.19 -27.66 21.62
N MET B 118 -16.91 -28.75 21.40
CA MET B 118 -17.30 -29.17 20.09
C MET B 118 -17.89 -28.01 19.29
N ILE B 119 -18.70 -27.20 19.95
CA ILE B 119 -19.39 -26.10 19.29
C ILE B 119 -18.62 -24.80 19.37
N THR B 120 -18.22 -24.37 20.58
CA THR B 120 -17.70 -23.03 20.75
C THR B 120 -16.43 -22.82 19.97
N ILE B 121 -15.53 -23.80 19.98
CA ILE B 121 -14.25 -23.73 19.29
C ILE B 121 -14.07 -24.83 18.23
N SER B 122 -15.16 -25.52 17.92
CA SER B 122 -15.19 -26.49 16.88
C SER B 122 -14.22 -27.64 17.14
N ASP B 123 -14.09 -28.01 18.41
CA ASP B 123 -12.99 -28.95 18.80
C ASP B 123 -13.23 -30.34 18.20
N ASN B 124 -12.30 -30.82 17.37
CA ASN B 124 -12.47 -32.04 16.62
C ASN B 124 -12.33 -33.26 17.51
N THR B 125 -11.39 -33.22 18.45
CA THR B 125 -11.28 -34.31 19.46
C THR B 125 -12.54 -34.41 20.30
N ALA B 126 -13.05 -33.27 20.73
CA ALA B 126 -14.32 -33.23 21.45
C ALA B 126 -15.43 -33.88 20.65
N THR B 127 -15.49 -33.55 19.36
CA THR B 127 -16.54 -34.07 18.49
C THR B 127 -16.45 -35.58 18.45
N ASN B 128 -15.22 -36.10 18.25
CA ASN B 128 -15.03 -37.55 18.16
C ASN B 128 -15.46 -38.19 19.47
N MET B 129 -15.14 -37.56 20.58
CA MET B 129 -15.55 -38.07 21.93
C MET B 129 -17.05 -38.16 22.04
N ILE B 130 -17.76 -37.13 21.58
CA ILE B 130 -19.20 -37.14 21.66
C ILE B 130 -19.82 -38.18 20.75
N ILE B 131 -19.33 -38.25 19.52
CA ILE B 131 -19.83 -39.21 18.52
C ILE B 131 -19.63 -40.64 19.12
N ASP B 132 -18.47 -40.87 19.67
CA ASP B 132 -18.18 -42.15 20.31
C ASP B 132 -19.11 -42.46 21.48
N ARG B 133 -19.31 -41.48 22.35
CA ARG B 133 -20.19 -41.66 23.50
C ARG B 133 -21.63 -41.94 23.10
N LEU B 134 -22.09 -41.34 21.99
CA LEU B 134 -23.44 -41.46 21.52
C LEU B 134 -23.69 -42.71 20.70
N GLY B 135 -22.66 -43.54 20.58
CA GLY B 135 -22.79 -44.83 19.93
C GLY B 135 -22.26 -44.96 18.54
N GLY B 136 -21.55 -43.95 18.04
CA GLY B 136 -20.95 -44.05 16.74
C GLY B 136 -21.74 -43.35 15.67
N ALA B 137 -21.05 -43.11 14.56
CA ALA B 137 -21.58 -42.40 13.38
C ALA B 137 -22.86 -43.00 12.83
N ALA B 138 -22.92 -44.31 12.69
CA ALA B 138 -24.16 -44.92 12.17
C ALA B 138 -25.42 -44.65 13.00
N GLU B 139 -25.26 -44.66 14.31
CA GLU B 139 -26.36 -44.38 15.22
C GLU B 139 -26.85 -42.94 15.01
N LEU B 140 -25.89 -42.02 14.89
CA LEU B 140 -26.24 -40.61 14.69
C LEU B 140 -26.84 -40.43 13.31
N ASN B 141 -26.33 -41.10 12.30
CA ASN B 141 -26.90 -40.97 10.97
C ASN B 141 -28.38 -41.37 10.94
N GLN B 142 -28.74 -42.41 11.68
CA GLN B 142 -30.11 -42.85 11.76
C GLN B 142 -30.97 -41.78 12.46
N GLN B 143 -30.46 -41.18 13.53
CA GLN B 143 -31.15 -40.10 14.18
C GLN B 143 -31.41 -38.93 13.26
N PHE B 144 -30.41 -38.54 12.45
CA PHE B 144 -30.57 -37.41 11.53
C PHE B 144 -31.63 -37.71 10.51
N GLN B 145 -31.67 -38.96 10.00
CA GLN B 145 -32.75 -39.40 9.09
C GLN B 145 -34.13 -39.31 9.77
N GLU B 146 -34.23 -39.75 11.01
CA GLU B 146 -35.49 -39.68 11.75
C GLU B 146 -35.99 -38.26 11.98
N TRP B 147 -35.07 -37.30 12.06
CA TRP B 147 -35.41 -35.90 12.18
C TRP B 147 -35.71 -35.24 10.83
N GLY B 148 -35.60 -36.00 9.75
CA GLY B 148 -35.90 -35.48 8.42
C GLY B 148 -34.74 -34.80 7.72
N LEU B 149 -33.54 -34.90 8.27
CA LEU B 149 -32.34 -34.36 7.66
C LEU B 149 -31.79 -35.33 6.60
N GLU B 150 -32.39 -35.22 5.43
CA GLU B 150 -32.19 -36.13 4.28
C GLU B 150 -30.73 -36.32 3.87
N ASN B 151 -29.93 -35.25 3.98
CA ASN B 151 -28.63 -35.23 3.37
C ASN B 151 -27.53 -34.97 4.39
N THR B 152 -27.81 -35.24 5.66
CA THR B 152 -26.85 -34.98 6.74
C THR B 152 -26.26 -36.35 7.17
N VAL B 153 -24.99 -36.59 6.86
CA VAL B 153 -24.37 -37.89 7.06
C VAL B 153 -22.95 -37.73 7.49
N ILE B 154 -22.62 -38.40 8.60
CA ILE B 154 -21.24 -38.61 9.03
C ILE B 154 -20.66 -39.87 8.38
N ASN B 155 -19.63 -39.66 7.58
CA ASN B 155 -18.92 -40.71 6.92
C ASN B 155 -17.54 -40.94 7.51
N ASN B 156 -16.98 -39.96 8.20
CA ASN B 156 -15.64 -40.07 8.73
C ASN B 156 -15.45 -39.23 9.97
N PRO B 157 -14.47 -39.61 10.80
CA PRO B 157 -14.20 -38.83 12.01
C PRO B 157 -13.76 -37.41 11.70
N GLU B 158 -13.93 -36.51 12.64
CA GLU B 158 -13.40 -35.17 12.49
C GLU B 158 -11.86 -35.23 12.58
N PRO B 159 -11.17 -34.28 11.92
CA PRO B 159 -11.68 -33.08 11.19
C PRO B 159 -12.28 -33.27 9.76
N ASP B 160 -12.18 -34.47 9.22
CA ASP B 160 -12.73 -34.81 7.88
C ASP B 160 -12.38 -33.72 6.82
N MET B 161 -11.10 -33.44 6.67
CA MET B 161 -10.65 -32.32 5.81
C MET B 161 -10.96 -32.57 4.34
N LYS B 162 -11.19 -33.81 3.97
CA LYS B 162 -11.57 -34.17 2.60
C LYS B 162 -13.05 -33.95 2.33
N GLY B 163 -13.82 -33.54 3.32
CA GLY B 163 -15.17 -33.12 3.01
C GLY B 163 -16.16 -34.24 2.77
N THR B 164 -15.93 -35.39 3.39
CA THR B 164 -16.80 -36.55 3.18
C THR B 164 -18.15 -36.52 3.91
N ASN B 165 -18.18 -35.84 5.06
CA ASN B 165 -19.40 -35.63 5.82
C ASN B 165 -20.22 -34.62 5.07
N THR B 166 -21.52 -34.86 4.95
CA THR B 166 -22.40 -34.00 4.18
C THR B 166 -23.57 -33.40 4.98
N THR B 167 -24.11 -32.32 4.42
CA THR B 167 -25.37 -31.72 4.84
C THR B 167 -25.90 -30.89 3.66
N SER B 168 -27.01 -30.22 3.90
CA SER B 168 -27.55 -29.19 3.04
C SER B 168 -27.95 -27.95 3.87
N PRO B 169 -28.01 -26.78 3.22
CA PRO B 169 -28.56 -25.61 3.88
C PRO B 169 -29.96 -25.88 4.45
N ARG B 170 -30.82 -26.55 3.68
CA ARG B 170 -32.13 -26.93 4.14
C ARG B 170 -32.09 -27.74 5.42
N ASP B 171 -31.26 -28.77 5.47
CA ASP B 171 -31.23 -29.64 6.66
C ASP B 171 -30.81 -28.84 7.89
N LEU B 172 -29.78 -28.02 7.74
CA LEU B 172 -29.28 -27.25 8.88
C LEU B 172 -30.35 -26.26 9.37
N ALA B 173 -30.97 -25.51 8.47
CA ALA B 173 -31.96 -24.49 8.84
C ALA B 173 -33.22 -25.12 9.36
N THR B 174 -33.60 -26.28 8.80
CA THR B 174 -34.78 -27.01 9.26
C THR B 174 -34.67 -27.63 10.64
N LEU B 175 -33.51 -28.23 10.95
CA LEU B 175 -33.30 -28.64 12.32
C LEU B 175 -33.40 -27.46 13.30
N MET B 176 -32.79 -26.33 12.95
CA MET B 176 -32.85 -25.18 13.82
C MET B 176 -34.26 -24.66 13.95
N LEU B 177 -35.03 -24.69 12.85
CA LEU B 177 -36.46 -24.33 12.92
C LEU B 177 -37.21 -25.18 13.97
N LYS B 178 -36.99 -26.50 13.94
CA LYS B 178 -37.62 -27.40 14.91
C LYS B 178 -37.22 -27.05 16.34
N ILE B 179 -35.90 -26.91 16.54
CA ILE B 179 -35.42 -26.53 17.88
C ILE B 179 -36.02 -25.22 18.38
N GLY B 180 -35.99 -24.22 17.49
CA GLY B 180 -36.55 -22.91 17.84
C GLY B 180 -38.00 -22.96 18.28
N GLN B 181 -38.76 -23.82 17.64
CA GLN B 181 -40.18 -24.01 18.00
C GLN B 181 -40.45 -24.94 19.20
N GLY B 182 -39.41 -25.43 19.86
CA GLY B 182 -39.53 -26.23 21.04
C GLY B 182 -39.67 -27.72 20.79
N GLU B 183 -39.38 -28.17 19.56
CA GLU B 183 -39.40 -29.58 19.29
C GLU B 183 -38.09 -30.23 19.67
N ILE B 184 -38.13 -31.55 19.76
CA ILE B 184 -36.98 -32.49 19.94
C ILE B 184 -36.42 -32.51 21.36
N LEU B 185 -36.05 -31.35 21.86
CA LEU B 185 -35.42 -31.18 23.17
C LEU B 185 -36.34 -30.57 24.21
N SER B 186 -36.08 -30.94 25.45
CA SER B 186 -36.69 -30.28 26.62
C SER B 186 -36.31 -28.78 26.65
N PRO B 187 -37.13 -27.98 27.33
CA PRO B 187 -36.80 -26.59 27.51
C PRO B 187 -35.37 -26.39 28.01
N ARG B 188 -34.95 -27.17 29.01
CA ARG B 188 -33.62 -27.01 29.59
C ARG B 188 -32.54 -27.21 28.54
N SER B 189 -32.73 -28.25 27.75
CA SER B 189 -31.71 -28.68 26.77
C SER B 189 -31.69 -27.73 25.61
N ARG B 190 -32.90 -27.41 25.14
CA ARG B 190 -33.06 -26.39 24.14
C ARG B 190 -32.34 -25.09 24.49
N ASP B 191 -32.58 -24.62 25.70
CA ASP B 191 -32.06 -23.38 26.16
C ASP B 191 -30.55 -23.36 26.30
N ARG B 192 -30.03 -24.47 26.78
CA ARG B 192 -28.59 -24.63 26.85
C ARG B 192 -27.91 -24.71 25.51
N LEU B 193 -28.49 -25.47 24.58
CA LEU B 193 -27.97 -25.54 23.21
C LEU B 193 -27.84 -24.16 22.59
N LEU B 194 -28.93 -23.38 22.70
CA LEU B 194 -28.92 -22.07 22.13
C LEU B 194 -27.93 -21.15 22.79
N ASP B 195 -27.79 -21.24 24.12
CA ASP B 195 -26.74 -20.47 24.81
C ASP B 195 -25.39 -20.84 24.27
N ILE B 196 -25.09 -22.13 24.23
CA ILE B 196 -23.83 -22.58 23.70
C ILE B 196 -23.59 -22.03 22.28
N MET B 197 -24.61 -22.13 21.42
CA MET B 197 -24.50 -21.70 20.04
C MET B 197 -24.44 -20.17 19.84
N ARG B 198 -24.66 -19.40 20.91
CA ARG B 198 -24.42 -17.94 20.87
C ARG B 198 -23.03 -17.54 21.38
N ARG B 199 -22.25 -18.55 21.77
CA ARG B 199 -20.91 -18.35 22.31
C ARG B 199 -19.83 -18.96 21.49
N THR B 200 -20.05 -19.10 20.18
CA THR B 200 -18.99 -19.60 19.35
C THR B 200 -17.97 -18.50 19.07
N VAL B 201 -16.79 -18.91 18.61
CA VAL B 201 -15.69 -17.96 18.47
C VAL B 201 -15.48 -17.44 17.08
N THR B 202 -16.22 -17.99 16.11
CA THR B 202 -16.09 -17.58 14.72
C THR B 202 -17.33 -16.89 14.25
N ASN B 203 -17.24 -15.56 14.13
CA ASN B 203 -18.40 -14.73 13.90
C ASN B 203 -18.28 -13.85 12.66
N THR B 204 -17.43 -14.25 11.72
CA THR B 204 -17.17 -13.47 10.52
C THR B 204 -17.99 -13.87 9.29
N LEU B 205 -18.96 -14.76 9.44
CA LEU B 205 -19.81 -15.20 8.34
C LEU B 205 -21.22 -14.64 8.55
N LEU B 206 -22.22 -15.43 8.89
CA LEU B 206 -23.55 -14.88 9.02
C LEU B 206 -23.67 -13.68 9.98
N PRO B 207 -23.00 -13.71 11.17
CA PRO B 207 -23.20 -12.61 12.10
C PRO B 207 -22.72 -11.27 11.60
N ALA B 208 -21.80 -11.31 10.62
CA ALA B 208 -21.25 -10.03 10.11
C ALA B 208 -22.25 -9.25 9.28
N GLY B 209 -23.31 -9.92 8.85
CA GLY B 209 -24.40 -9.27 8.14
C GLY B 209 -25.53 -8.69 8.96
N LEU B 210 -25.52 -8.89 10.27
CA LEU B 210 -26.64 -8.52 11.11
C LEU B 210 -26.52 -7.11 11.64
N GLY B 211 -27.65 -6.46 11.81
CA GLY B 211 -27.67 -5.16 12.43
C GLY B 211 -27.48 -5.19 13.95
N LYS B 212 -27.34 -4.01 14.54
CA LYS B 212 -27.10 -3.89 15.95
C LYS B 212 -28.29 -4.40 16.72
N GLY B 213 -28.03 -5.19 17.75
CA GLY B 213 -29.09 -5.70 18.63
C GLY B 213 -29.61 -7.08 18.23
N ALA B 214 -29.25 -7.56 17.05
CA ALA B 214 -29.66 -8.89 16.62
C ALA B 214 -28.77 -9.90 17.31
N THR B 215 -29.29 -11.09 17.53
CA THR B 215 -28.46 -12.13 18.08
C THR B 215 -28.56 -13.32 17.18
N ILE B 216 -27.62 -14.25 17.29
CA ILE B 216 -27.58 -15.37 16.44
C ILE B 216 -26.95 -16.57 17.14
N ALA B 217 -27.69 -17.67 17.16
CA ALA B 217 -27.21 -19.02 17.54
C ALA B 217 -26.84 -19.76 16.29
N HIS B 218 -25.60 -20.15 16.14
CA HIS B 218 -25.12 -20.66 14.91
C HIS B 218 -23.88 -21.56 15.05
N LYS B 219 -23.52 -22.25 14.00
CA LYS B 219 -22.27 -22.98 13.95
C LYS B 219 -21.67 -22.86 12.56
N THR B 220 -20.42 -22.40 12.47
CA THR B 220 -19.69 -22.30 11.23
C THR B 220 -18.98 -23.59 10.86
N GLY B 221 -18.52 -23.64 9.63
CA GLY B 221 -17.68 -24.72 9.20
C GLY B 221 -16.76 -24.23 8.10
N ASP B 222 -15.49 -24.65 8.15
CA ASP B 222 -14.49 -24.20 7.17
C ASP B 222 -13.45 -25.31 7.05
N ILE B 223 -13.35 -25.91 5.87
CA ILE B 223 -12.27 -26.82 5.56
C ILE B 223 -11.46 -26.33 4.36
N GLY B 224 -11.44 -25.03 4.16
CA GLY B 224 -10.63 -24.43 3.10
C GLY B 224 -11.36 -24.40 1.78
N ILE B 225 -11.75 -25.58 1.29
CA ILE B 225 -12.50 -25.77 0.05
C ILE B 225 -14.05 -25.63 0.16
N VAL B 226 -14.54 -25.58 1.38
CA VAL B 226 -15.90 -25.24 1.67
C VAL B 226 -15.91 -24.39 2.94
N VAL B 227 -16.74 -23.38 2.90
CA VAL B 227 -17.02 -22.54 4.07
C VAL B 227 -18.52 -22.31 4.20
N GLY B 228 -19.04 -22.34 5.42
CA GLY B 228 -20.49 -22.23 5.60
C GLY B 228 -20.88 -21.85 7.01
N ASP B 229 -22.15 -21.59 7.21
CA ASP B 229 -22.66 -21.14 8.54
C ASP B 229 -24.16 -21.33 8.53
N ALA B 230 -24.71 -21.67 9.69
CA ALA B 230 -26.15 -21.85 9.80
C ALA B 230 -26.57 -21.56 11.24
N GLY B 231 -27.75 -20.97 11.35
CA GLY B 231 -28.36 -20.80 12.67
C GLY B 231 -29.65 -20.02 12.70
N MET B 232 -29.98 -19.48 13.85
CA MET B 232 -31.20 -18.78 14.06
C MET B 232 -30.89 -17.37 14.52
N VAL B 233 -31.50 -16.40 13.85
CA VAL B 233 -31.33 -14.98 14.12
C VAL B 233 -32.61 -14.42 14.79
N ASP B 234 -32.45 -13.67 15.88
CA ASP B 234 -33.52 -12.92 16.48
C ASP B 234 -33.22 -11.46 16.22
N MET B 235 -34.15 -10.76 15.61
CA MET B 235 -34.00 -9.37 15.24
C MET B 235 -34.56 -8.49 16.35
N PRO B 236 -34.00 -7.30 16.52
CA PRO B 236 -34.53 -6.44 17.55
C PRO B 236 -35.97 -6.06 17.36
N ASN B 237 -36.52 -6.13 16.15
CA ASN B 237 -37.94 -5.90 15.91
C ASN B 237 -38.82 -7.05 16.41
N GLY B 238 -38.21 -8.12 16.90
CA GLY B 238 -38.95 -9.25 17.48
C GLY B 238 -39.13 -10.42 16.50
N GLN B 239 -38.86 -10.20 15.21
CA GLN B 239 -38.89 -11.28 14.18
C GLN B 239 -37.74 -12.26 14.41
N ARG B 240 -37.92 -13.48 13.91
CA ARG B 240 -36.96 -14.53 13.98
C ARG B 240 -36.88 -15.19 12.62
N TYR B 241 -35.67 -15.57 12.23
CA TYR B 241 -35.51 -16.33 11.01
C TYR B 241 -34.39 -17.33 11.15
N VAL B 242 -34.50 -18.42 10.41
CA VAL B 242 -33.41 -19.38 10.25
C VAL B 242 -32.61 -19.10 9.00
N ALA B 243 -31.34 -19.47 8.97
CA ALA B 243 -30.44 -19.07 7.89
C ALA B 243 -29.43 -20.17 7.77
N ALA B 244 -29.03 -20.53 6.55
CA ALA B 244 -27.94 -21.48 6.30
C ALA B 244 -27.36 -21.21 4.97
N MET B 245 -26.02 -21.18 4.89
CA MET B 245 -25.36 -20.99 3.59
C MET B 245 -24.03 -21.74 3.57
N MET B 246 -23.77 -22.37 2.42
CA MET B 246 -22.57 -23.20 2.17
C MET B 246 -21.99 -22.72 0.89
N VAL B 247 -20.66 -22.60 0.84
CA VAL B 247 -19.96 -22.16 -0.35
C VAL B 247 -18.73 -23.03 -0.59
N LYS B 248 -18.74 -23.67 -1.76
CA LYS B 248 -17.59 -24.37 -2.27
C LYS B 248 -16.70 -23.33 -2.95
N ARG B 249 -15.38 -23.43 -2.74
CA ARG B 249 -14.45 -22.38 -3.09
C ARG B 249 -13.03 -22.93 -3.32
N PRO B 250 -12.22 -22.18 -4.11
CA PRO B 250 -10.79 -22.42 -4.08
C PRO B 250 -10.27 -22.29 -2.65
N TYR B 251 -9.31 -23.13 -2.29
CA TYR B 251 -8.89 -23.23 -0.91
C TYR B 251 -8.65 -21.86 -0.29
N ASN B 252 -9.39 -21.57 0.79
CA ASN B 252 -9.23 -20.35 1.57
C ASN B 252 -9.50 -19.07 0.80
N ASP B 253 -10.20 -19.17 -0.32
CA ASP B 253 -10.51 -18.00 -1.10
C ASP B 253 -11.38 -17.04 -0.28
N PRO B 254 -10.89 -15.83 -0.01
CA PRO B 254 -11.63 -14.85 0.78
C PRO B 254 -12.98 -14.40 0.19
N ARG B 255 -13.20 -14.61 -1.11
CA ARG B 255 -14.48 -14.32 -1.75
C ARG B 255 -15.59 -15.20 -1.24
N GLY B 256 -15.25 -16.42 -0.83
CA GLY B 256 -16.22 -17.40 -0.32
C GLY B 256 -16.88 -16.89 0.96
N SER B 257 -16.07 -16.39 1.87
CA SER B 257 -16.57 -15.85 3.12
C SER B 257 -17.25 -14.48 2.94
N GLU B 258 -16.73 -13.64 2.04
CA GLU B 258 -17.36 -12.37 1.77
C GLU B 258 -18.74 -12.54 1.19
N LEU B 259 -18.90 -13.58 0.38
CA LEU B 259 -20.16 -13.87 -0.23
C LEU B 259 -21.23 -14.17 0.82
N ILE B 260 -20.85 -14.97 1.83
CA ILE B 260 -21.76 -15.27 2.91
C ILE B 260 -22.12 -13.99 3.69
N ARG B 261 -21.15 -13.12 3.98
CA ARG B 261 -21.44 -11.87 4.70
C ARG B 261 -22.39 -11.02 3.90
N GLN B 262 -22.15 -10.96 2.58
CA GLN B 262 -22.96 -10.10 1.74
C GLN B 262 -24.41 -10.57 1.66
N VAL B 263 -24.59 -11.86 1.43
CA VAL B 263 -25.95 -12.42 1.43
C VAL B 263 -26.65 -12.24 2.82
N SER B 264 -25.94 -12.56 3.90
CA SER B 264 -26.47 -12.32 5.23
C SER B 264 -27.02 -10.90 5.39
N ARG B 265 -26.20 -9.93 4.99
CA ARG B 265 -26.60 -8.53 5.05
C ARG B 265 -27.82 -8.23 4.20
N MET B 266 -27.82 -8.77 2.98
CA MET B 266 -28.93 -8.55 2.04
C MET B 266 -30.24 -9.02 2.64
N VAL B 267 -30.26 -10.20 3.24
CA VAL B 267 -31.47 -10.75 3.81
C VAL B 267 -31.86 -10.00 5.07
N TYR B 268 -30.90 -9.73 5.95
CA TYR B 268 -31.21 -9.00 7.19
C TYR B 268 -31.89 -7.66 6.88
N GLN B 269 -31.31 -6.93 5.95
CA GLN B 269 -31.79 -5.59 5.62
C GLN B 269 -33.15 -5.68 4.98
N ALA B 270 -33.39 -6.71 4.18
CA ALA B 270 -34.68 -6.91 3.55
C ALA B 270 -35.72 -7.14 4.64
N PHE B 271 -35.38 -7.94 5.63
CA PHE B 271 -36.37 -8.30 6.63
C PHE B 271 -36.69 -7.10 7.52
N GLU B 272 -35.66 -6.26 7.78
CA GLU B 272 -35.84 -5.02 8.53
C GLU B 272 -36.88 -4.11 7.89
N LYS B 273 -36.72 -3.94 6.58
CA LYS B 273 -37.54 -3.03 5.76
C LYS B 273 -38.96 -3.53 5.61
N LEU B 274 -39.15 -4.84 5.66
CA LEU B 274 -40.47 -5.46 5.52
C LEU B 274 -41.23 -5.54 6.85
N SER B 275 -40.60 -5.10 7.94
CA SER B 275 -41.33 -4.79 9.17
C SER B 275 -42.19 -5.97 9.63
N THR C 10 46.97 15.89 -17.48
CA THR C 10 46.51 14.53 -17.94
C THR C 10 44.98 14.44 -18.01
N LEU C 11 44.29 15.13 -17.11
CA LEU C 11 42.84 15.26 -17.26
C LEU C 11 42.62 16.03 -18.55
N PRO C 12 41.72 15.54 -19.42
CA PRO C 12 41.45 16.20 -20.68
C PRO C 12 40.70 17.50 -20.45
N PRO C 13 40.81 18.44 -21.39
CA PRO C 13 40.05 19.68 -21.28
C PRO C 13 38.53 19.41 -21.18
N GLU C 14 37.84 20.18 -20.35
CA GLU C 14 36.39 20.09 -20.29
C GLU C 14 35.75 20.45 -21.63
N ARG C 15 34.80 19.61 -22.03
CA ARG C 15 34.06 19.75 -23.30
C ARG C 15 32.58 19.62 -22.99
N PRO C 16 31.94 20.72 -22.64
CA PRO C 16 30.52 20.58 -22.33
C PRO C 16 29.72 19.89 -23.43
N LEU C 17 28.72 19.11 -23.05
CA LEU C 17 27.86 18.46 -24.04
C LEU C 17 26.68 19.39 -24.28
N THR C 18 26.84 20.29 -25.25
CA THR C 18 25.93 21.40 -25.45
C THR C 18 24.47 20.97 -25.63
N ASN C 19 24.22 19.99 -26.47
CA ASN C 19 22.83 19.63 -26.74
C ASN C 19 22.20 18.94 -25.52
N LEU C 20 22.99 18.14 -24.81
CA LEU C 20 22.55 17.50 -23.53
C LEU C 20 22.31 18.55 -22.45
N GLN C 21 23.16 19.58 -22.40
CA GLN C 21 22.94 20.71 -21.55
C GLN C 21 21.54 21.23 -21.76
N GLN C 22 21.23 21.52 -23.01
CA GLN C 22 19.96 22.16 -23.32
C GLN C 22 18.79 21.21 -23.04
N GLN C 23 18.91 19.95 -23.40
CA GLN C 23 17.85 18.95 -23.11
C GLN C 23 17.57 18.82 -21.61
N ILE C 24 18.65 18.68 -20.84
CA ILE C 24 18.48 18.52 -19.39
C ILE C 24 18.03 19.81 -18.71
N GLN C 25 18.50 20.98 -19.17
CA GLN C 25 18.04 22.24 -18.57
C GLN C 25 16.54 22.35 -18.77
N GLN C 26 16.06 21.97 -19.97
CA GLN C 26 14.64 22.03 -20.29
C GLN C 26 13.89 21.08 -19.39
N LEU C 27 14.41 19.85 -19.25
CA LEU C 27 13.77 18.82 -18.42
C LEU C 27 13.65 19.25 -16.97
N VAL C 28 14.74 19.75 -16.38
CA VAL C 28 14.69 20.17 -14.96
C VAL C 28 13.95 21.52 -14.81
N SER C 29 13.77 22.22 -15.94
CA SER C 29 12.91 23.42 -16.00
C SER C 29 11.43 23.03 -15.94
N ARG C 30 11.09 21.83 -16.44
CA ARG C 30 9.71 21.37 -16.44
C ARG C 30 9.38 20.60 -15.14
N GLN C 31 9.85 21.11 -13.98
CA GLN C 31 9.65 20.45 -12.70
C GLN C 31 9.23 21.47 -11.64
N PRO C 32 7.92 21.71 -11.52
CA PRO C 32 7.46 22.86 -10.72
C PRO C 32 8.01 22.91 -9.30
N ASN C 33 7.73 21.88 -8.53
CA ASN C 33 8.01 22.01 -7.12
C ASN C 33 9.48 21.65 -6.87
N LEU C 34 10.15 21.12 -7.91
CA LEU C 34 11.54 20.61 -7.76
C LEU C 34 12.66 21.57 -8.18
N THR C 35 13.79 21.54 -7.45
CA THR C 35 15.02 22.30 -7.77
C THR C 35 16.19 21.29 -7.87
N ALA C 36 16.64 21.00 -9.07
CA ALA C 36 17.63 19.98 -9.33
C ALA C 36 18.98 20.67 -9.62
N GLY C 37 20.05 20.04 -9.17
CA GLY C 37 21.41 20.45 -9.50
C GLY C 37 22.17 19.19 -9.82
N LEU C 38 23.02 19.22 -10.84
CA LEU C 38 23.68 18.04 -11.31
C LEU C 38 24.97 18.35 -11.97
N TYR C 39 25.94 17.47 -11.79
CA TYR C 39 27.26 17.61 -12.33
C TYR C 39 27.80 16.25 -12.74
N PHE C 40 28.24 16.10 -13.96
CA PHE C 40 28.84 14.90 -14.55
C PHE C 40 30.08 15.29 -15.31
N PHE C 41 31.15 14.48 -15.22
CA PHE C 41 32.40 14.73 -15.94
C PHE C 41 33.04 13.39 -16.24
N ASN C 42 33.28 13.18 -17.52
CA ASN C 42 33.94 11.98 -18.05
C ASN C 42 35.47 12.18 -17.97
N LEU C 43 36.12 11.36 -17.14
CA LEU C 43 37.54 11.52 -16.90
C LEU C 43 38.41 11.30 -18.15
N ASP C 44 37.89 10.54 -19.11
CA ASP C 44 38.62 10.11 -20.31
C ASP C 44 38.36 11.05 -21.52
N SER C 45 37.10 11.46 -21.72
CA SER C 45 36.63 12.35 -22.81
C SER C 45 36.76 13.82 -22.48
N GLY C 46 36.66 14.11 -21.18
CA GLY C 46 36.46 15.50 -20.78
C GLY C 46 35.03 16.04 -20.95
N ALA C 47 34.10 15.22 -21.42
CA ALA C 47 32.73 15.62 -21.66
C ALA C 47 32.09 15.95 -20.30
N SER C 48 31.33 17.04 -20.23
CA SER C 48 30.75 17.47 -18.97
C SER C 48 29.32 17.90 -19.17
N LEU C 49 28.57 17.78 -18.09
CA LEU C 49 27.21 18.27 -17.96
C LEU C 49 27.11 18.91 -16.62
N ASN C 50 26.63 20.14 -16.55
CA ASN C 50 26.50 20.88 -15.31
C ASN C 50 25.24 21.74 -15.43
N VAL C 51 24.21 21.34 -14.73
CA VAL C 51 22.97 22.10 -14.66
C VAL C 51 22.72 22.33 -13.17
N GLY C 52 23.01 23.53 -12.70
CA GLY C 52 22.83 23.88 -11.32
C GLY C 52 23.71 23.09 -10.38
N GLY C 53 24.81 22.58 -10.91
CA GLY C 53 25.72 21.75 -10.08
C GLY C 53 26.50 22.52 -9.07
N ASP C 54 26.66 23.82 -9.24
CA ASP C 54 27.26 24.69 -8.21
C ASP C 54 26.32 25.13 -7.10
N GLN C 55 25.02 24.94 -7.24
CA GLN C 55 24.08 25.37 -6.21
C GLN C 55 24.40 24.62 -4.89
N VAL C 56 24.29 25.32 -3.77
CA VAL C 56 24.36 24.64 -2.49
C VAL C 56 23.03 23.99 -2.21
N PHE C 57 23.10 22.78 -1.66
CA PHE C 57 21.95 22.00 -1.32
C PHE C 57 22.08 21.48 0.08
N PRO C 58 20.97 21.17 0.71
CA PRO C 58 21.06 20.26 1.86
C PRO C 58 21.74 18.96 1.39
N ALA C 59 22.69 18.44 2.15
CA ALA C 59 23.43 17.27 1.73
C ALA C 59 22.70 15.92 1.97
N ALA C 60 21.87 15.93 3.00
CA ALA C 60 21.37 14.66 3.51
C ALA C 60 22.60 13.71 3.74
N SER C 61 22.44 12.43 3.54
CA SER C 61 23.52 11.51 3.84
C SER C 61 24.64 11.51 2.83
N THR C 62 24.56 12.31 1.73
CA THR C 62 25.64 12.31 0.74
C THR C 62 26.97 12.76 1.40
N ILE C 63 26.87 13.52 2.48
CA ILE C 63 28.06 14.07 3.14
C ILE C 63 28.85 12.98 3.81
N LYS C 64 28.22 11.83 4.02
CA LYS C 64 29.00 10.66 4.55
C LYS C 64 30.13 10.24 3.67
N PHE C 65 30.08 10.48 2.34
CA PHE C 65 31.21 10.19 1.45
C PHE C 65 32.45 11.06 1.79
N PRO C 66 32.34 12.40 1.83
CA PRO C 66 33.49 13.17 2.31
C PRO C 66 33.98 12.71 3.68
N ILE C 67 33.09 12.34 4.58
CA ILE C 67 33.55 11.85 5.90
C ILE C 67 34.35 10.58 5.74
N LEU C 68 33.93 9.66 4.87
CA LEU C 68 34.67 8.44 4.65
C LEU C 68 36.09 8.75 4.08
N VAL C 69 36.21 9.71 3.14
CA VAL C 69 37.51 10.07 2.64
C VAL C 69 38.41 10.60 3.75
N ALA C 70 37.86 11.43 4.62
CA ALA C 70 38.64 11.90 5.75
C ALA C 70 39.11 10.75 6.68
N PHE C 71 38.24 9.77 6.85
CA PHE C 71 38.57 8.61 7.63
C PHE C 71 39.79 7.92 7.06
N PHE C 72 39.76 7.58 5.77
CA PHE C 72 40.88 6.91 5.17
C PHE C 72 42.14 7.75 5.10
N LYS C 73 42.02 9.04 4.91
CA LYS C 73 43.20 9.91 4.98
C LYS C 73 43.86 9.79 6.37
N ALA C 74 43.05 9.77 7.44
CA ALA C 74 43.58 9.56 8.78
C ALA C 74 44.27 8.24 8.93
N VAL C 75 43.74 7.20 8.32
CA VAL C 75 44.38 5.87 8.35
C VAL C 75 45.74 5.93 7.61
N ASP C 76 45.74 6.53 6.42
CA ASP C 76 46.95 6.67 5.66
C ASP C 76 48.06 7.44 6.42
N GLU C 77 47.64 8.41 7.23
CA GLU C 77 48.54 9.26 8.03
C GLU C 77 48.91 8.73 9.41
N GLY C 78 48.46 7.51 9.71
CA GLY C 78 48.78 6.88 10.95
C GLY C 78 48.05 7.41 12.16
N ARG C 79 46.98 8.17 11.95
CA ARG C 79 46.31 8.81 13.06
C ARG C 79 45.16 7.96 13.58
N VAL C 80 44.70 7.02 12.73
CA VAL C 80 43.64 6.05 13.04
C VAL C 80 44.06 4.73 12.38
N THR C 81 43.72 3.59 12.99
CA THR C 81 43.91 2.30 12.35
C THR C 81 42.56 1.67 12.03
N LEU C 82 42.57 0.75 11.07
CA LEU C 82 41.35 0.07 10.65
C LEU C 82 40.83 -0.84 11.75
N GLN C 83 41.72 -1.34 12.59
CA GLN C 83 41.36 -2.31 13.60
C GLN C 83 41.13 -1.72 15.00
N GLU C 84 41.44 -0.46 15.23
CA GLU C 84 41.22 0.08 16.58
C GLU C 84 39.74 0.01 16.96
N ARG C 85 39.44 -0.12 18.25
CA ARG C 85 38.09 -0.20 18.71
C ARG C 85 37.51 1.14 19.02
N LEU C 86 36.35 1.41 18.43
CA LEU C 86 35.59 2.60 18.72
C LEU C 86 34.42 2.30 19.61
N THR C 87 34.12 3.20 20.53
CA THR C 87 33.08 3.01 21.51
C THR C 87 31.81 3.76 21.12
N MET C 88 30.68 3.07 21.17
CA MET C 88 29.38 3.69 20.91
C MET C 88 28.90 4.36 22.19
N ARG C 89 29.47 5.54 22.44
CA ARG C 89 29.16 6.32 23.67
C ARG C 89 27.74 6.82 23.61
N PRO C 90 27.11 7.00 24.76
CA PRO C 90 25.77 7.53 24.77
C PRO C 90 25.53 8.80 23.97
N ASP C 91 26.51 9.69 23.94
CA ASP C 91 26.36 10.97 23.25
C ASP C 91 26.42 10.85 21.74
N LEU C 92 26.81 9.69 21.24
CA LEU C 92 26.97 9.48 19.79
C LEU C 92 25.79 8.72 19.19
N ILE C 93 24.96 8.09 20.02
CA ILE C 93 23.87 7.24 19.50
C ILE C 93 22.77 8.11 18.88
N ALA C 94 22.29 7.70 17.71
CA ALA C 94 21.33 8.51 17.00
C ALA C 94 20.31 7.57 16.37
N PRO C 95 19.11 8.10 16.10
CA PRO C 95 18.06 7.33 15.46
C PRO C 95 18.16 7.34 13.91
N GLU C 96 17.06 6.99 13.26
CA GLU C 96 16.96 6.88 11.80
C GLU C 96 17.84 5.75 11.32
N ALA C 97 18.41 5.83 10.15
CA ALA C 97 19.11 4.69 9.56
C ALA C 97 20.23 4.20 10.42
N GLY C 98 20.36 2.90 10.45
CA GLY C 98 21.51 2.25 11.09
C GLY C 98 21.16 1.13 12.05
N THR C 99 22.13 0.25 12.26
CA THR C 99 21.96 -0.90 13.14
C THR C 99 22.68 -0.73 14.47
N LEU C 100 23.69 0.13 14.59
CA LEU C 100 24.48 0.22 15.84
C LEU C 100 23.60 0.66 16.99
N GLN C 101 22.60 1.49 16.67
CA GLN C 101 21.71 2.09 17.73
C GLN C 101 21.00 1.05 18.61
N TYR C 102 20.82 -0.17 18.10
CA TYR C 102 20.12 -1.21 18.86
C TYR C 102 21.03 -1.98 19.80
N GLN C 103 22.33 -1.77 19.69
CA GLN C 103 23.32 -2.41 20.56
C GLN C 103 23.45 -1.72 21.92
N LYS C 104 24.14 -2.34 22.87
CA LYS C 104 24.24 -1.75 24.19
C LYS C 104 25.15 -0.53 24.12
N PRO C 105 24.75 0.54 24.83
CA PRO C 105 25.67 1.66 24.99
C PRO C 105 27.04 1.22 25.48
N ASN C 106 28.07 1.87 24.92
CA ASN C 106 29.48 1.64 25.26
C ASN C 106 30.07 0.34 24.74
N SER C 107 29.29 -0.37 23.92
CA SER C 107 29.83 -1.48 23.15
C SER C 107 30.81 -0.96 22.09
N GLN C 108 31.72 -1.83 21.66
CA GLN C 108 32.84 -1.41 20.84
C GLN C 108 32.88 -2.17 19.54
N TYR C 109 33.43 -1.47 18.55
CA TYR C 109 33.46 -1.94 17.17
C TYR C 109 34.76 -1.56 16.51
N ALA C 110 35.24 -2.37 15.55
CA ALA C 110 36.38 -1.97 14.78
C ALA C 110 36.12 -0.70 13.99
N ALA C 111 37.10 0.19 13.96
CA ALA C 111 36.93 1.47 13.23
C ALA C 111 36.45 1.23 11.78
N LEU C 112 37.04 0.25 11.11
CA LEU C 112 36.66 -0.02 9.68
C LEU C 112 35.20 -0.45 9.60
N GLU C 113 34.75 -1.28 10.50
CA GLU C 113 33.40 -1.76 10.47
C GLU C 113 32.43 -0.58 10.60
N VAL C 114 32.77 0.33 11.50
CA VAL C 114 31.95 1.51 11.77
C VAL C 114 31.91 2.40 10.52
N ALA C 115 33.07 2.65 9.96
CA ALA C 115 33.15 3.46 8.73
C ALA C 115 32.36 2.81 7.59
N GLU C 116 32.44 1.48 7.42
CA GLU C 116 31.64 0.81 6.43
C GLU C 116 30.13 1.00 6.68
N LEU C 117 29.63 0.84 7.91
CA LEU C 117 28.20 0.98 8.15
C LEU C 117 27.66 2.39 7.90
N MET C 118 28.52 3.34 8.18
CA MET C 118 28.26 4.75 7.87
C MET C 118 27.84 4.89 6.38
N ILE C 119 28.52 4.14 5.51
CA ILE C 119 28.28 4.24 4.06
C ILE C 119 27.25 3.24 3.58
N THR C 120 27.42 1.95 3.93
CA THR C 120 26.60 0.97 3.25
C THR C 120 25.14 1.09 3.57
N ILE C 121 24.85 1.35 4.83
CA ILE C 121 23.47 1.46 5.30
C ILE C 121 23.17 2.85 5.86
N SER C 122 24.12 3.79 5.70
CA SER C 122 23.89 5.17 6.07
C SER C 122 23.77 5.37 7.60
N ASP C 123 24.44 4.50 8.34
CA ASP C 123 24.23 4.42 9.81
C ASP C 123 24.59 5.72 10.49
N ASN C 124 23.64 6.36 11.13
CA ASN C 124 23.85 7.67 11.69
C ASN C 124 24.72 7.64 12.97
N THR C 125 24.50 6.61 13.79
CA THR C 125 25.34 6.41 14.95
C THR C 125 26.79 6.21 14.50
N ALA C 126 27.02 5.35 13.50
CA ALA C 126 28.35 5.13 12.99
C ALA C 126 28.95 6.45 12.53
N THR C 127 28.19 7.23 11.80
CA THR C 127 28.69 8.51 11.30
C THR C 127 29.13 9.43 12.46
N ASN C 128 28.29 9.54 13.48
CA ASN C 128 28.66 10.39 14.63
C ASN C 128 29.92 9.85 15.29
N MET C 129 30.04 8.54 15.35
CA MET C 129 31.27 7.95 15.92
C MET C 129 32.51 8.33 15.10
N ILE C 130 32.42 8.21 13.77
CA ILE C 130 33.54 8.58 12.94
C ILE C 130 33.92 10.07 13.05
N ILE C 131 32.90 10.94 13.00
CA ILE C 131 33.12 12.38 13.09
C ILE C 131 33.87 12.67 14.41
N ASP C 132 33.36 12.10 15.49
CA ASP C 132 33.95 12.31 16.78
C ASP C 132 35.41 11.83 16.82
N ARG C 133 35.66 10.63 16.32
CA ARG C 133 37.00 10.08 16.26
C ARG C 133 38.00 10.91 15.49
N LEU C 134 37.50 11.57 14.43
CA LEU C 134 38.34 12.40 13.58
C LEU C 134 38.47 13.82 14.10
N GLY C 135 37.92 14.09 15.27
CA GLY C 135 38.12 15.36 15.95
C GLY C 135 36.98 16.36 15.90
N GLY C 136 35.84 15.93 15.37
CA GLY C 136 34.64 16.74 15.38
C GLY C 136 34.38 17.45 14.05
N ALA C 137 33.18 18.04 13.98
CA ALA C 137 32.66 18.65 12.74
C ALA C 137 33.55 19.74 12.22
N ALA C 138 34.03 20.61 13.11
CA ALA C 138 34.81 21.78 12.67
C ALA C 138 36.10 21.35 11.98
N GLU C 139 36.75 20.32 12.50
CA GLU C 139 37.95 19.78 11.94
C GLU C 139 37.71 19.18 10.55
N LEU C 140 36.63 18.41 10.42
CA LEU C 140 36.23 17.90 9.12
C LEU C 140 35.89 19.05 8.20
N ASN C 141 35.15 20.04 8.67
CA ASN C 141 34.83 21.17 7.77
C ASN C 141 36.04 21.86 7.17
N GLN C 142 37.03 22.04 7.99
CA GLN C 142 38.27 22.61 7.55
C GLN C 142 38.95 21.75 6.51
N GLN C 143 38.90 20.44 6.67
CA GLN C 143 39.45 19.54 5.69
C GLN C 143 38.70 19.68 4.37
N PHE C 144 37.38 19.76 4.46
CA PHE C 144 36.59 19.88 3.24
C PHE C 144 36.96 21.13 2.49
N GLN C 145 37.18 22.21 3.21
CA GLN C 145 37.55 23.49 2.57
C GLN C 145 38.89 23.34 1.96
N GLU C 146 39.78 22.69 2.70
CA GLU C 146 41.13 22.48 2.17
C GLU C 146 41.18 21.67 0.88
N TRP C 147 40.26 20.71 0.75
CA TRP C 147 40.10 19.93 -0.49
C TRP C 147 39.39 20.71 -1.64
N GLY C 148 38.95 21.92 -1.35
CA GLY C 148 38.28 22.77 -2.33
C GLY C 148 36.78 22.54 -2.39
N LEU C 149 36.21 21.90 -1.38
CA LEU C 149 34.77 21.66 -1.32
C LEU C 149 34.11 22.79 -0.57
N GLU C 150 33.90 23.88 -1.29
CA GLU C 150 33.56 25.11 -0.61
C GLU C 150 32.16 25.15 -0.01
N ASN C 151 31.22 24.32 -0.50
CA ASN C 151 29.89 24.32 0.00
C ASN C 151 29.56 23.11 0.85
N THR C 152 30.57 22.37 1.27
CA THR C 152 30.33 21.09 1.99
C THR C 152 30.63 21.34 3.50
N VAL C 153 29.59 21.32 4.29
CA VAL C 153 29.63 21.73 5.70
C VAL C 153 28.74 20.88 6.57
N ILE C 154 29.35 20.37 7.66
CA ILE C 154 28.62 19.69 8.73
C ILE C 154 28.29 20.74 9.79
N ASN C 155 27.00 21.05 9.87
CA ASN C 155 26.45 21.95 10.86
C ASN C 155 25.77 21.28 12.07
N ASN C 156 25.34 20.05 11.93
CA ASN C 156 24.76 19.32 13.02
C ASN C 156 25.03 17.83 12.98
N PRO C 157 24.91 17.13 14.12
CA PRO C 157 25.06 15.68 14.10
C PRO C 157 23.99 14.96 13.29
N GLU C 158 24.29 13.73 12.94
CA GLU C 158 23.36 12.90 12.20
C GLU C 158 22.33 12.39 13.16
N PRO C 159 21.10 12.22 12.70
CA PRO C 159 20.65 12.23 11.28
C PRO C 159 20.42 13.63 10.49
N ASP C 160 20.52 14.74 11.14
CA ASP C 160 20.26 16.06 10.53
C ASP C 160 19.04 16.09 9.59
N MET C 161 17.89 15.68 10.12
CA MET C 161 16.69 15.51 9.30
C MET C 161 16.18 16.86 8.84
N LYS C 162 16.58 17.96 9.50
CA LYS C 162 16.19 19.32 9.02
C LYS C 162 17.02 19.85 7.83
N GLY C 163 18.10 19.18 7.51
CA GLY C 163 18.86 19.46 6.31
C GLY C 163 19.83 20.58 6.42
N THR C 164 20.36 20.79 7.65
CA THR C 164 21.30 21.88 7.87
C THR C 164 22.70 21.64 7.30
N ASN C 165 23.09 20.38 7.19
CA ASN C 165 24.37 20.11 6.58
C ASN C 165 24.27 20.30 5.09
N THR C 166 25.33 20.83 4.48
CA THR C 166 25.25 21.22 3.05
C THR C 166 26.34 20.58 2.23
N THR C 167 26.09 20.48 0.92
CA THR C 167 27.08 20.22 -0.08
C THR C 167 26.63 20.79 -1.43
N SER C 168 27.33 20.41 -2.47
CA SER C 168 26.85 20.69 -3.84
C SER C 168 27.21 19.53 -4.70
N PRO C 169 26.49 19.35 -5.84
CA PRO C 169 26.89 18.35 -6.81
C PRO C 169 28.32 18.47 -7.25
N ARG C 170 28.76 19.69 -7.57
CA ARG C 170 30.11 19.90 -7.96
C ARG C 170 31.10 19.42 -6.84
N ASP C 171 30.83 19.77 -5.58
CA ASP C 171 31.76 19.37 -4.50
C ASP C 171 31.87 17.87 -4.47
N LEU C 172 30.75 17.17 -4.50
CA LEU C 172 30.80 15.70 -4.33
C LEU C 172 31.54 15.04 -5.51
N ALA C 173 31.20 15.47 -6.70
CA ALA C 173 31.74 14.89 -7.90
C ALA C 173 33.23 15.20 -8.04
N THR C 174 33.62 16.41 -7.64
CA THR C 174 35.02 16.83 -7.70
C THR C 174 35.90 16.03 -6.68
N LEU C 175 35.34 15.79 -5.50
CA LEU C 175 36.11 14.95 -4.55
C LEU C 175 36.32 13.56 -5.12
N MET C 176 35.26 13.02 -5.70
CA MET C 176 35.37 11.72 -6.32
C MET C 176 36.38 11.66 -7.49
N LEU C 177 36.34 12.76 -8.25
CA LEU C 177 37.25 12.92 -9.36
C LEU C 177 38.72 12.83 -8.91
N LYS C 178 39.00 13.52 -7.83
CA LYS C 178 40.37 13.50 -7.30
C LYS C 178 40.75 12.08 -6.88
N ILE C 179 39.84 11.41 -6.17
CA ILE C 179 40.12 10.03 -5.72
C ILE C 179 40.35 9.10 -6.90
N GLY C 180 39.51 9.24 -7.91
CA GLY C 180 39.58 8.45 -9.14
C GLY C 180 40.96 8.58 -9.80
N GLN C 181 41.48 9.80 -9.77
CA GLN C 181 42.79 10.11 -10.34
C GLN C 181 43.96 9.63 -9.48
N GLY C 182 43.70 9.06 -8.31
CA GLY C 182 44.76 8.57 -7.47
C GLY C 182 45.29 9.57 -6.45
N GLU C 183 44.57 10.68 -6.27
CA GLU C 183 44.88 11.69 -5.29
C GLU C 183 44.26 11.39 -3.93
N ILE C 184 44.75 12.08 -2.91
CA ILE C 184 44.25 12.06 -1.56
C ILE C 184 44.53 10.77 -0.79
N LEU C 185 44.12 9.62 -1.36
CA LEU C 185 44.21 8.34 -0.63
C LEU C 185 45.24 7.43 -1.28
N SER C 186 45.82 6.58 -0.47
CA SER C 186 46.74 5.53 -0.93
C SER C 186 45.95 4.56 -1.79
N PRO C 187 46.66 3.77 -2.61
CA PRO C 187 45.95 2.71 -3.36
C PRO C 187 45.10 1.79 -2.48
N ARG C 188 45.65 1.30 -1.36
CA ARG C 188 44.91 0.46 -0.43
C ARG C 188 43.61 1.08 0.05
N SER C 189 43.71 2.34 0.45
CA SER C 189 42.58 3.09 0.93
C SER C 189 41.57 3.40 -0.15
N ARG C 190 41.99 3.75 -1.40
CA ARG C 190 41.06 3.87 -2.52
C ARG C 190 40.30 2.63 -2.78
N ASP C 191 41.02 1.48 -2.80
CA ASP C 191 40.33 0.23 -3.05
C ASP C 191 39.24 0.01 -2.06
N ARG C 192 39.54 0.20 -0.79
CA ARG C 192 38.59 -0.09 0.27
C ARG C 192 37.42 0.88 0.19
N LEU C 193 37.73 2.18 0.00
CA LEU C 193 36.70 3.18 -0.16
C LEU C 193 35.74 2.85 -1.33
N LEU C 194 36.30 2.46 -2.47
CA LEU C 194 35.48 2.12 -3.65
C LEU C 194 34.72 0.84 -3.46
N ASP C 195 35.29 -0.15 -2.78
CA ASP C 195 34.58 -1.36 -2.45
C ASP C 195 33.37 -1.10 -1.59
N ILE C 196 33.59 -0.38 -0.51
CA ILE C 196 32.53 -0.04 0.41
C ILE C 196 31.43 0.66 -0.36
N MET C 197 31.83 1.64 -1.18
CA MET C 197 30.81 2.48 -1.84
C MET C 197 30.15 1.76 -3.05
N ARG C 198 30.60 0.55 -3.40
CA ARG C 198 29.89 -0.32 -4.35
C ARG C 198 28.92 -1.28 -3.66
N ARG C 199 28.90 -1.26 -2.32
CA ARG C 199 28.05 -2.19 -1.58
C ARG C 199 27.01 -1.51 -0.70
N THR C 200 26.59 -0.33 -1.10
CA THR C 200 25.49 0.30 -0.41
C THR C 200 24.17 -0.40 -0.73
N VAL C 201 23.18 -0.17 0.14
CA VAL C 201 21.88 -0.84 0.02
C VAL C 201 20.82 -0.01 -0.68
N THR C 202 21.15 1.22 -1.05
CA THR C 202 20.21 2.17 -1.70
C THR C 202 20.69 2.48 -3.13
N ASN C 203 20.13 1.77 -4.12
CA ASN C 203 20.61 1.79 -5.49
C ASN C 203 19.55 2.19 -6.51
N THR C 204 18.54 2.89 -6.01
CA THR C 204 17.40 3.28 -6.82
C THR C 204 17.56 4.63 -7.51
N LEU C 205 18.72 5.28 -7.36
CA LEU C 205 18.92 6.64 -7.94
C LEU C 205 19.88 6.54 -9.09
N LEU C 206 21.10 7.04 -8.96
CA LEU C 206 22.01 6.95 -10.11
C LEU C 206 22.19 5.56 -10.72
N PRO C 207 22.32 4.52 -9.89
CA PRO C 207 22.58 3.22 -10.53
C PRO C 207 21.47 2.68 -11.44
N ALA C 208 20.24 3.12 -11.17
CA ALA C 208 19.05 2.67 -11.91
C ALA C 208 19.09 3.15 -13.34
N GLY C 209 19.94 4.13 -13.67
CA GLY C 209 20.12 4.62 -15.02
C GLY C 209 21.27 4.03 -15.83
N LEU C 210 22.02 3.09 -15.27
CA LEU C 210 23.21 2.64 -15.92
C LEU C 210 22.90 1.41 -16.77
N GLY C 211 23.73 1.24 -17.79
CA GLY C 211 23.68 0.06 -18.65
C GLY C 211 24.25 -1.19 -18.00
N LYS C 212 23.94 -2.35 -18.59
CA LYS C 212 24.37 -3.60 -18.02
C LYS C 212 25.90 -3.63 -18.09
N GLY C 213 26.53 -4.09 -17.01
CA GLY C 213 27.99 -4.20 -16.97
C GLY C 213 28.65 -3.00 -16.29
N ALA C 214 27.95 -1.88 -16.23
CA ALA C 214 28.48 -0.72 -15.49
C ALA C 214 28.48 -0.94 -14.00
N THR C 215 29.48 -0.36 -13.34
CA THR C 215 29.55 -0.39 -11.89
C THR C 215 29.52 1.04 -11.40
N ILE C 216 29.13 1.21 -10.13
CA ILE C 216 29.05 2.54 -9.52
C ILE C 216 29.39 2.47 -8.02
N ALA C 217 30.38 3.28 -7.64
CA ALA C 217 30.74 3.54 -6.25
C ALA C 217 30.03 4.82 -5.92
N HIS C 218 29.14 4.86 -4.95
CA HIS C 218 28.31 6.04 -4.71
C HIS C 218 27.74 6.08 -3.30
N LYS C 219 27.15 7.20 -2.94
CA LYS C 219 26.44 7.39 -1.68
C LYS C 219 25.21 8.23 -1.86
N THR C 220 24.06 7.69 -1.50
CA THR C 220 22.82 8.40 -1.57
C THR C 220 22.52 9.26 -0.35
N GLY C 221 21.56 10.18 -0.46
CA GLY C 221 21.01 10.83 0.69
C GLY C 221 19.55 11.16 0.44
N ASP C 222 18.70 11.07 1.44
CA ASP C 222 17.26 11.30 1.31
C ASP C 222 16.78 11.77 2.67
N ILE C 223 16.30 13.01 2.72
CA ILE C 223 15.60 13.55 3.86
C ILE C 223 14.32 14.22 3.30
N GLY C 224 13.54 14.88 4.14
CA GLY C 224 12.31 15.51 3.67
C GLY C 224 12.52 16.41 2.48
N ILE C 225 13.40 17.37 2.64
CA ILE C 225 13.55 18.40 1.63
C ILE C 225 14.25 17.84 0.36
N VAL C 226 15.17 16.86 0.47
CA VAL C 226 16.12 16.60 -0.62
C VAL C 226 16.41 15.14 -0.79
N VAL C 227 16.66 14.77 -2.03
CA VAL C 227 17.12 13.44 -2.40
C VAL C 227 18.28 13.63 -3.38
N GLY C 228 19.29 12.78 -3.26
CA GLY C 228 20.47 12.93 -4.11
C GLY C 228 21.38 11.73 -4.05
N ASP C 229 22.39 11.75 -4.90
CA ASP C 229 23.29 10.59 -5.08
C ASP C 229 24.53 11.12 -5.78
N ALA C 230 25.70 10.57 -5.48
CA ALA C 230 26.93 10.97 -6.11
C ALA C 230 27.91 9.81 -6.09
N GLY C 231 28.70 9.71 -7.15
CA GLY C 231 29.75 8.71 -7.19
C GLY C 231 30.48 8.62 -8.49
N MET C 232 31.15 7.51 -8.71
CA MET C 232 31.96 7.23 -9.86
C MET C 232 31.46 6.00 -10.62
N VAL C 233 31.19 6.18 -11.90
CA VAL C 233 30.72 5.10 -12.80
C VAL C 233 31.84 4.65 -13.68
N ASP C 234 32.01 3.34 -13.67
CA ASP C 234 32.89 2.65 -14.60
C ASP C 234 32.03 1.94 -15.66
N MET C 235 32.31 2.28 -16.92
CA MET C 235 31.56 1.78 -18.10
C MET C 235 32.30 0.58 -18.67
N PRO C 236 31.54 -0.39 -19.19
CA PRO C 236 32.18 -1.55 -19.85
C PRO C 236 33.15 -1.19 -20.98
N ASN C 237 32.94 -0.06 -21.64
CA ASN C 237 33.87 0.37 -22.69
C ASN C 237 35.23 0.88 -22.20
N GLY C 238 35.38 1.01 -20.87
CA GLY C 238 36.66 1.40 -20.26
C GLY C 238 36.67 2.84 -19.77
N GLN C 239 35.62 3.59 -20.07
CA GLN C 239 35.57 4.98 -19.61
C GLN C 239 35.03 5.08 -18.20
N ARG C 240 35.37 6.19 -17.52
CA ARG C 240 34.94 6.45 -16.16
C ARG C 240 34.35 7.88 -16.15
N TYR C 241 33.32 8.09 -15.34
CA TYR C 241 32.81 9.44 -15.13
C TYR C 241 32.36 9.58 -13.72
N VAL C 242 32.46 10.82 -13.20
CA VAL C 242 31.88 11.14 -11.93
C VAL C 242 30.52 11.74 -12.17
N ALA C 243 29.63 11.58 -11.20
CA ALA C 243 28.22 11.93 -11.29
C ALA C 243 27.73 12.39 -9.95
N ALA C 244 26.93 13.44 -9.90
CA ALA C 244 26.32 13.92 -8.66
C ALA C 244 25.03 14.66 -9.01
N MET C 245 23.97 14.39 -8.29
CA MET C 245 22.70 15.07 -8.58
C MET C 245 21.96 15.17 -7.30
N MET C 246 21.38 16.32 -7.01
CA MET C 246 20.57 16.61 -5.83
C MET C 246 19.27 17.23 -6.26
N VAL C 247 18.18 16.86 -5.65
CA VAL C 247 16.89 17.48 -5.95
C VAL C 247 16.18 17.91 -4.66
N LYS C 248 15.86 19.20 -4.54
CA LYS C 248 14.91 19.69 -3.53
C LYS C 248 13.49 19.40 -3.97
N ARG C 249 12.60 18.96 -3.06
CA ARG C 249 11.30 18.35 -3.43
C ARG C 249 10.24 18.34 -2.33
N PRO C 250 8.94 18.25 -2.73
CA PRO C 250 7.88 17.85 -1.76
C PRO C 250 8.22 16.55 -1.01
N TYR C 251 7.86 16.50 0.27
CA TYR C 251 8.40 15.48 1.15
C TYR C 251 8.13 14.12 0.52
N ASN C 252 9.22 13.41 0.22
CA ASN C 252 9.25 12.07 -0.43
C ASN C 252 8.46 11.94 -1.75
N ASP C 253 8.38 13.04 -2.49
CA ASP C 253 7.82 13.04 -3.83
C ASP C 253 8.60 12.05 -4.68
N PRO C 254 7.94 10.98 -5.20
CA PRO C 254 8.63 10.05 -6.10
C PRO C 254 9.20 10.72 -7.36
N ARG C 255 8.62 11.87 -7.74
CA ARG C 255 9.10 12.70 -8.86
C ARG C 255 10.60 13.04 -8.73
N GLY C 256 11.09 13.30 -7.49
CA GLY C 256 12.52 13.65 -7.28
C GLY C 256 13.47 12.51 -7.62
N SER C 257 13.15 11.31 -7.15
CA SER C 257 13.93 10.12 -7.48
C SER C 257 13.83 9.72 -8.94
N GLU C 258 12.63 9.79 -9.51
CA GLU C 258 12.51 9.49 -10.93
C GLU C 258 13.31 10.46 -11.80
N LEU C 259 13.39 11.73 -11.41
CA LEU C 259 14.17 12.70 -12.16
C LEU C 259 15.65 12.31 -12.16
N ILE C 260 16.16 11.89 -11.02
CA ILE C 260 17.56 11.39 -10.96
C ILE C 260 17.83 10.18 -11.86
N ARG C 261 16.91 9.19 -11.80
CA ARG C 261 17.01 8.05 -12.70
C ARG C 261 16.99 8.47 -14.16
N GLN C 262 16.13 9.41 -14.50
CA GLN C 262 15.98 9.85 -15.87
C GLN C 262 17.25 10.52 -16.37
N VAL C 263 17.81 11.42 -15.57
CA VAL C 263 19.04 12.10 -15.96
C VAL C 263 20.23 11.13 -16.02
N SER C 264 20.29 10.21 -15.06
CA SER C 264 21.34 9.24 -15.05
C SER C 264 21.39 8.42 -16.34
N ARG C 265 20.19 7.99 -16.78
CA ARG C 265 20.08 7.22 -18.03
C ARG C 265 20.48 8.09 -19.24
N MET C 266 20.03 9.32 -19.30
CA MET C 266 20.34 10.19 -20.41
C MET C 266 21.84 10.40 -20.52
N VAL C 267 22.52 10.57 -19.38
CA VAL C 267 23.94 10.76 -19.44
C VAL C 267 24.66 9.51 -19.86
N TYR C 268 24.33 8.38 -19.26
CA TYR C 268 24.98 7.14 -19.59
C TYR C 268 24.90 6.90 -21.05
N GLN C 269 23.69 7.08 -21.57
CA GLN C 269 23.47 6.82 -23.00
C GLN C 269 24.28 7.82 -23.85
N ALA C 270 24.39 9.06 -23.44
CA ALA C 270 25.19 10.04 -24.18
C ALA C 270 26.65 9.62 -24.24
N PHE C 271 27.18 9.11 -23.13
CA PHE C 271 28.58 8.69 -23.09
C PHE C 271 28.83 7.38 -23.85
N GLU C 272 27.87 6.47 -23.85
CA GLU C 272 27.93 5.29 -24.69
C GLU C 272 28.13 5.65 -26.16
N LYS C 273 27.49 6.72 -26.63
CA LYS C 273 27.68 7.12 -28.03
C LYS C 273 29.10 7.71 -28.16
N LEU C 274 29.23 8.97 -27.75
CA LEU C 274 30.38 9.85 -28.07
C LEU C 274 31.69 9.12 -28.35
N PRO D 2 -38.84 18.36 -40.08
CA PRO D 2 -39.27 19.09 -41.28
C PRO D 2 -38.35 18.85 -42.48
N ALA D 3 -38.66 19.52 -43.60
CA ALA D 3 -37.93 19.38 -44.86
C ALA D 3 -36.48 19.85 -44.71
N PRO D 4 -35.55 19.20 -45.42
CA PRO D 4 -34.15 19.66 -45.29
C PRO D 4 -33.93 21.08 -45.85
N GLU D 5 -33.08 21.84 -45.16
CA GLU D 5 -32.76 23.19 -45.58
C GLU D 5 -31.35 23.36 -46.18
N ALA D 6 -30.56 22.28 -46.26
CA ALA D 6 -29.30 22.29 -47.04
C ALA D 6 -28.88 20.88 -47.40
N PRO D 7 -28.12 20.75 -48.50
CA PRO D 7 -27.56 19.47 -48.76
C PRO D 7 -26.46 19.08 -47.72
N THR D 8 -26.35 17.79 -47.49
CA THR D 8 -25.14 17.28 -46.84
C THR D 8 -24.00 17.24 -47.84
N SER D 9 -22.78 17.18 -47.31
CA SER D 9 -21.59 16.91 -48.15
C SER D 9 -21.28 15.44 -48.01
N THR D 10 -21.03 14.81 -49.14
CA THR D 10 -20.64 13.40 -49.14
C THR D 10 -19.16 13.29 -49.35
N LEU D 11 -18.56 12.37 -48.65
CA LEU D 11 -17.13 12.18 -48.71
C LEU D 11 -16.81 11.43 -50.00
N PRO D 12 -15.83 11.91 -50.80
CA PRO D 12 -15.42 11.18 -52.01
C PRO D 12 -14.89 9.80 -51.65
N PRO D 13 -14.91 8.85 -52.59
CA PRO D 13 -14.29 7.55 -52.37
C PRO D 13 -12.81 7.66 -51.97
N GLU D 14 -12.41 6.93 -50.95
CA GLU D 14 -11.06 6.97 -50.50
C GLU D 14 -10.13 6.50 -51.60
N ARG D 15 -9.03 7.20 -51.80
CA ARG D 15 -8.03 6.77 -52.78
C ARG D 15 -6.64 6.77 -52.11
N PRO D 16 -6.28 5.65 -51.51
CA PRO D 16 -4.98 5.60 -50.86
C PRO D 16 -3.85 5.97 -51.83
N LEU D 17 -2.95 6.82 -51.37
CA LEU D 17 -1.78 7.19 -52.16
C LEU D 17 -0.69 6.20 -51.82
N THR D 18 -0.81 5.06 -52.47
CA THR D 18 0.02 3.88 -52.12
C THR D 18 1.53 4.06 -52.28
N ASN D 19 1.97 4.77 -53.30
CA ASN D 19 3.41 4.99 -53.49
C ASN D 19 3.93 5.97 -52.45
N LEU D 20 3.22 7.07 -52.27
CA LEU D 20 3.65 8.04 -51.29
C LEU D 20 3.65 7.43 -49.90
N GLN D 21 2.65 6.61 -49.61
CA GLN D 21 2.60 5.88 -48.34
C GLN D 21 3.88 5.08 -48.12
N GLN D 22 4.33 4.40 -49.17
CA GLN D 22 5.58 3.64 -49.08
C GLN D 22 6.83 4.54 -48.89
N GLN D 23 6.88 5.68 -49.56
CA GLN D 23 7.98 6.65 -49.34
C GLN D 23 8.03 7.14 -47.91
N ILE D 24 6.89 7.54 -47.39
CA ILE D 24 6.83 8.03 -46.02
C ILE D 24 7.21 6.90 -45.05
N GLN D 25 6.70 5.69 -45.25
CA GLN D 25 7.08 4.61 -44.35
C GLN D 25 8.59 4.40 -44.39
N GLN D 26 9.17 4.46 -45.58
CA GLN D 26 10.61 4.31 -45.76
C GLN D 26 11.35 5.43 -45.01
N LEU D 27 10.77 6.62 -45.01
CA LEU D 27 11.38 7.75 -44.30
C LEU D 27 11.31 7.61 -42.79
N VAL D 28 10.16 7.22 -42.24
CA VAL D 28 9.99 7.16 -40.79
C VAL D 28 10.73 5.96 -40.14
N SER D 29 10.65 4.81 -40.79
CA SER D 29 11.28 3.61 -40.23
C SER D 29 12.82 3.64 -40.32
N ARG D 30 13.34 4.67 -40.99
CA ARG D 30 14.78 4.86 -41.22
C ARG D 30 15.44 5.80 -40.17
N GLN D 31 14.69 6.23 -39.16
CA GLN D 31 15.21 7.17 -38.19
C GLN D 31 15.40 6.48 -36.85
N PRO D 32 16.67 6.31 -36.43
CA PRO D 32 16.93 5.71 -35.14
C PRO D 32 16.22 6.42 -33.99
N ASN D 33 15.50 5.63 -33.22
CA ASN D 33 14.97 6.04 -31.94
C ASN D 33 13.79 6.98 -32.08
N LEU D 34 13.23 7.11 -33.27
CA LEU D 34 11.95 7.76 -33.44
C LEU D 34 10.88 6.73 -33.78
N THR D 35 9.68 6.92 -33.22
CA THR D 35 8.53 6.16 -33.59
C THR D 35 7.43 7.12 -34.06
N ALA D 36 7.02 7.02 -35.32
CA ALA D 36 6.05 7.96 -35.91
C ALA D 36 4.73 7.29 -36.26
N GLY D 37 3.62 8.05 -36.14
CA GLY D 37 2.34 7.60 -36.67
C GLY D 37 1.72 8.81 -37.35
N LEU D 38 1.01 8.58 -38.44
CA LEU D 38 0.40 9.72 -39.15
C LEU D 38 -0.79 9.25 -39.99
N TYR D 39 -1.70 10.19 -40.19
CA TYR D 39 -2.91 9.98 -40.98
C TYR D 39 -3.29 11.29 -41.66
N PHE D 40 -3.50 11.22 -42.98
CA PHE D 40 -3.98 12.36 -43.79
C PHE D 40 -5.13 11.92 -44.67
N PHE D 41 -6.08 12.80 -44.88
CA PHE D 41 -7.22 12.51 -45.78
C PHE D 41 -7.65 13.80 -46.45
N ASN D 42 -7.69 13.81 -47.78
CA ASN D 42 -8.11 14.97 -48.58
C ASN D 42 -9.63 14.89 -48.79
N LEU D 43 -10.34 15.86 -48.24
CA LEU D 43 -11.82 15.83 -48.23
C LEU D 43 -12.33 16.05 -49.63
N ASP D 44 -11.55 16.65 -50.52
CA ASP D 44 -11.99 16.86 -51.91
C ASP D 44 -11.68 15.73 -52.85
N SER D 45 -10.46 15.20 -52.81
CA SER D 45 -9.95 14.19 -53.76
C SER D 45 -10.18 12.77 -53.25
N GLY D 46 -10.42 12.63 -51.94
CA GLY D 46 -10.42 11.33 -51.26
C GLY D 46 -9.04 10.71 -51.04
N ALA D 47 -7.96 11.39 -51.42
CA ALA D 47 -6.60 10.86 -51.23
C ALA D 47 -6.32 10.66 -49.78
N SER D 48 -5.69 9.55 -49.44
CA SER D 48 -5.33 9.27 -48.04
C SER D 48 -3.93 8.67 -47.88
N LEU D 49 -3.39 8.90 -46.68
CA LEU D 49 -2.17 8.29 -46.18
C LEU D 49 -2.39 7.81 -44.75
N ASN D 50 -1.88 6.62 -44.45
CA ASN D 50 -1.94 6.06 -43.11
C ASN D 50 -0.63 5.29 -42.91
N VAL D 51 0.26 5.86 -42.11
CA VAL D 51 1.53 5.22 -41.79
C VAL D 51 1.60 5.23 -40.30
N GLY D 52 1.17 4.12 -39.68
CA GLY D 52 1.10 4.02 -38.25
C GLY D 52 -0.01 4.88 -37.65
N GLY D 53 -0.98 5.36 -38.44
CA GLY D 53 -2.08 6.20 -37.96
C GLY D 53 -2.97 5.65 -36.87
N ASP D 54 -3.07 4.31 -36.80
CA ASP D 54 -3.92 3.67 -35.80
C ASP D 54 -3.24 3.48 -34.44
N GLN D 55 -1.94 3.65 -34.42
CA GLN D 55 -1.21 3.40 -33.16
C GLN D 55 -1.49 4.44 -32.13
N VAL D 56 -1.45 4.02 -30.87
CA VAL D 56 -1.73 4.86 -29.72
C VAL D 56 -0.45 5.54 -29.25
N PHE D 57 -0.56 6.84 -28.96
CA PHE D 57 0.53 7.66 -28.47
C PHE D 57 0.04 8.43 -27.25
N PRO D 58 0.96 8.82 -26.36
CA PRO D 58 0.66 9.93 -25.47
C PRO D 58 0.19 11.12 -26.32
N ALA D 59 -0.92 11.73 -25.92
CA ALA D 59 -1.51 12.81 -26.72
C ALA D 59 -0.78 14.15 -26.53
N ALA D 60 -0.11 14.33 -25.42
CA ALA D 60 0.38 15.66 -25.01
C ALA D 60 -0.81 16.64 -25.21
N SER D 61 -0.51 17.85 -25.67
CA SER D 61 -1.54 18.89 -25.69
C SER D 61 -2.49 18.72 -26.87
N THR D 62 -2.24 17.74 -27.73
CA THR D 62 -3.18 17.51 -28.87
C THR D 62 -4.57 17.18 -28.40
N ILE D 63 -4.70 16.64 -27.19
CA ILE D 63 -5.99 16.24 -26.68
C ILE D 63 -6.89 17.47 -26.40
N LYS D 64 -6.32 18.65 -26.39
CA LYS D 64 -7.05 19.89 -26.13
C LYS D 64 -7.98 20.13 -27.33
N PHE D 65 -7.65 19.54 -28.46
CA PHE D 65 -8.54 19.64 -29.67
C PHE D 65 -9.87 18.92 -29.45
N PRO D 66 -9.85 17.60 -29.18
CA PRO D 66 -11.15 16.98 -28.83
C PRO D 66 -11.89 17.62 -27.65
N ILE D 67 -11.16 18.09 -26.64
CA ILE D 67 -11.78 18.82 -25.55
C ILE D 67 -12.55 20.07 -26.05
N LEU D 68 -11.92 20.85 -26.91
CA LEU D 68 -12.60 22.00 -27.54
C LEU D 68 -13.86 21.57 -28.31
N VAL D 69 -13.78 20.46 -29.01
CA VAL D 69 -14.96 19.97 -29.76
C VAL D 69 -16.09 19.67 -28.77
N ALA D 70 -15.77 19.04 -27.64
CA ALA D 70 -16.77 18.68 -26.65
C ALA D 70 -17.34 19.94 -26.00
N PHE D 71 -16.50 20.97 -25.87
CA PHE D 71 -16.92 22.29 -25.40
C PHE D 71 -18.02 22.85 -26.35
N PHE D 72 -17.71 22.92 -27.65
CA PHE D 72 -18.67 23.53 -28.51
C PHE D 72 -19.92 22.67 -28.71
N LYS D 73 -19.80 21.35 -28.64
CA LYS D 73 -21.02 20.51 -28.65
C LYS D 73 -21.93 20.89 -27.47
N ALA D 74 -21.35 21.12 -26.30
CA ALA D 74 -22.16 21.51 -25.13
C ALA D 74 -22.80 22.87 -25.37
N VAL D 75 -22.07 23.77 -26.04
CA VAL D 75 -22.63 25.07 -26.38
C VAL D 75 -23.80 24.88 -27.34
N ASP D 76 -23.62 24.04 -28.36
CA ASP D 76 -24.68 23.78 -29.33
C ASP D 76 -25.96 23.25 -28.70
N GLU D 77 -25.76 22.42 -27.67
CA GLU D 77 -26.86 21.77 -26.96
C GLU D 77 -27.44 22.64 -25.85
N GLY D 78 -26.92 23.84 -25.66
CA GLY D 78 -27.41 24.76 -24.65
C GLY D 78 -27.03 24.35 -23.24
N ARG D 79 -26.12 23.39 -23.11
CA ARG D 79 -25.63 22.95 -21.79
C ARG D 79 -24.59 23.89 -21.21
N VAL D 80 -23.83 24.54 -22.10
CA VAL D 80 -22.86 25.59 -21.74
C VAL D 80 -23.16 26.86 -22.54
N THR D 81 -22.88 28.03 -22.00
CA THR D 81 -22.92 29.25 -22.80
C THR D 81 -21.53 29.83 -22.92
N LEU D 82 -21.35 30.66 -23.94
CA LEU D 82 -20.02 31.25 -24.22
C LEU D 82 -19.65 32.28 -23.16
N GLN D 83 -20.65 32.92 -22.56
CA GLN D 83 -20.46 34.06 -21.70
C GLN D 83 -20.54 33.69 -20.21
N GLU D 84 -20.90 32.44 -19.88
CA GLU D 84 -21.01 32.01 -18.45
C GLU D 84 -19.65 32.06 -17.74
N ARG D 85 -19.65 32.15 -16.40
CA ARG D 85 -18.43 32.38 -15.60
C ARG D 85 -17.84 31.09 -15.11
N LEU D 86 -16.59 30.85 -15.47
CA LEU D 86 -15.88 29.75 -14.88
C LEU D 86 -14.90 30.29 -13.86
N THR D 87 -14.74 29.52 -12.80
CA THR D 87 -13.98 29.94 -11.65
C THR D 87 -12.65 29.22 -11.71
N MET D 88 -11.57 30.00 -11.64
CA MET D 88 -10.24 29.42 -11.54
C MET D 88 -10.03 29.06 -10.08
N ARG D 89 -10.64 27.95 -9.71
CA ARG D 89 -10.48 27.38 -8.38
C ARG D 89 -9.04 26.90 -8.19
N PRO D 90 -8.52 26.97 -6.95
CA PRO D 90 -7.20 26.42 -6.66
C PRO D 90 -6.94 24.98 -7.12
N ASP D 91 -7.94 24.11 -7.09
CA ASP D 91 -7.74 22.70 -7.51
C ASP D 91 -7.58 22.54 -9.03
N LEU D 92 -7.87 23.60 -9.77
CA LEU D 92 -7.76 23.57 -11.24
C LEU D 92 -6.45 24.19 -11.75
N ILE D 93 -5.76 24.96 -10.91
CA ILE D 93 -4.56 25.68 -11.35
C ILE D 93 -3.42 24.71 -11.62
N ALA D 94 -2.73 24.95 -12.74
CA ALA D 94 -1.70 24.05 -13.29
C ALA D 94 -0.54 24.86 -13.85
N PRO D 95 0.69 24.31 -13.78
CA PRO D 95 1.91 24.97 -14.26
C PRO D 95 2.13 24.75 -15.76
N GLU D 96 3.34 24.97 -16.24
CA GLU D 96 3.71 24.88 -17.67
C GLU D 96 2.93 25.95 -18.46
N ALA D 97 2.60 25.68 -19.72
CA ALA D 97 1.98 26.73 -20.55
C ALA D 97 0.70 27.29 -19.93
N GLY D 98 0.52 28.59 -20.11
CA GLY D 98 -0.70 29.27 -19.75
C GLY D 98 -0.39 30.47 -18.89
N THR D 99 -1.30 31.45 -18.98
CA THR D 99 -1.22 32.68 -18.23
C THR D 99 -2.20 32.72 -17.05
N LEU D 100 -3.29 31.93 -17.08
CA LEU D 100 -4.31 32.01 -16.03
C LEU D 100 -3.67 31.74 -14.67
N GLN D 101 -2.70 30.83 -14.64
CA GLN D 101 -2.05 30.45 -13.38
C GLN D 101 -1.48 31.61 -12.59
N TYR D 102 -1.17 32.71 -13.26
CA TYR D 102 -0.58 33.87 -12.59
C TYR D 102 -1.60 34.89 -12.13
N GLN D 103 -2.89 34.59 -12.34
CA GLN D 103 -3.95 35.46 -11.89
C GLN D 103 -4.38 35.07 -10.48
N LYS D 104 -5.24 35.90 -9.90
CA LYS D 104 -5.71 35.69 -8.55
C LYS D 104 -6.58 34.44 -8.50
N PRO D 105 -6.27 33.51 -7.58
CA PRO D 105 -7.11 32.33 -7.37
C PRO D 105 -8.58 32.69 -7.16
N ASN D 106 -9.47 31.84 -7.69
CA ASN D 106 -10.93 32.05 -7.68
C ASN D 106 -11.46 33.23 -8.48
N SER D 107 -10.59 33.89 -9.24
CA SER D 107 -11.02 34.81 -10.28
C SER D 107 -11.89 34.06 -11.31
N GLN D 108 -12.75 34.81 -12.00
CA GLN D 108 -13.70 34.22 -12.92
C GLN D 108 -13.49 34.79 -14.32
N TYR D 109 -13.82 33.95 -15.30
CA TYR D 109 -13.51 34.19 -16.73
C TYR D 109 -14.68 33.71 -17.56
N ALA D 110 -14.96 34.42 -18.64
CA ALA D 110 -15.96 33.91 -19.60
C ALA D 110 -15.53 32.53 -20.14
N ALA D 111 -16.49 31.59 -20.23
CA ALA D 111 -16.18 30.23 -20.70
C ALA D 111 -15.41 30.24 -22.01
N LEU D 112 -15.85 31.03 -23.00
CA LEU D 112 -15.18 31.06 -24.32
C LEU D 112 -13.74 31.50 -24.20
N GLU D 113 -13.49 32.52 -23.39
CA GLU D 113 -12.13 33.02 -23.19
C GLU D 113 -11.25 31.91 -22.65
N VAL D 114 -11.78 31.15 -21.70
CA VAL D 114 -11.04 30.04 -21.15
C VAL D 114 -10.79 28.95 -22.20
N ALA D 115 -11.82 28.55 -22.93
CA ALA D 115 -11.65 27.60 -24.02
C ALA D 115 -10.62 28.08 -25.06
N GLU D 116 -10.61 29.37 -25.37
CA GLU D 116 -9.63 29.92 -26.34
C GLU D 116 -8.20 29.78 -25.84
N LEU D 117 -7.96 30.21 -24.59
CA LEU D 117 -6.61 30.09 -23.97
C LEU D 117 -6.10 28.64 -23.94
N MET D 118 -7.00 27.70 -23.64
CA MET D 118 -6.68 26.27 -23.72
C MET D 118 -6.02 25.91 -25.04
N ILE D 119 -6.45 26.51 -26.12
CA ILE D 119 -5.96 26.19 -27.44
C ILE D 119 -4.82 27.09 -27.91
N THR D 120 -5.04 28.40 -27.84
CA THR D 120 -4.12 29.35 -28.51
C THR D 120 -2.71 29.27 -27.90
N ILE D 121 -2.65 29.22 -26.58
CA ILE D 121 -1.40 29.15 -25.83
C ILE D 121 -1.29 27.84 -25.03
N SER D 122 -2.24 26.90 -25.25
CA SER D 122 -2.16 25.58 -24.64
C SER D 122 -2.33 25.67 -23.13
N ASP D 123 -3.05 26.70 -22.64
CA ASP D 123 -3.13 26.99 -21.21
C ASP D 123 -3.65 25.78 -20.40
N ASN D 124 -2.83 25.28 -19.48
CA ASN D 124 -3.14 24.04 -18.77
C ASN D 124 -4.20 24.22 -17.68
N THR D 125 -4.17 25.34 -16.96
CA THR D 125 -5.23 25.73 -16.03
C THR D 125 -6.54 25.82 -16.79
N ALA D 126 -6.53 26.51 -17.92
CA ALA D 126 -7.74 26.66 -18.73
C ALA D 126 -8.30 25.29 -19.11
N THR D 127 -7.42 24.40 -19.52
CA THR D 127 -7.87 23.08 -19.92
C THR D 127 -8.54 22.33 -18.76
N ASN D 128 -7.92 22.35 -17.60
CA ASN D 128 -8.56 21.73 -16.44
C ASN D 128 -9.91 22.36 -16.11
N MET D 129 -10.02 23.67 -16.28
CA MET D 129 -11.29 24.38 -16.09
C MET D 129 -12.35 23.88 -17.06
N ILE D 130 -11.99 23.68 -18.32
CA ILE D 130 -12.94 23.21 -19.30
C ILE D 130 -13.34 21.74 -19.03
N ILE D 131 -12.36 20.88 -18.77
CA ILE D 131 -12.65 19.48 -18.46
C ILE D 131 -13.62 19.37 -17.29
N ASP D 132 -13.29 20.10 -16.23
CA ASP D 132 -14.16 20.18 -15.04
C ASP D 132 -15.58 20.63 -15.37
N ARG D 133 -15.73 21.70 -16.14
CA ARG D 133 -17.06 22.21 -16.54
C ARG D 133 -17.83 21.22 -17.39
N LEU D 134 -17.16 20.45 -18.23
CA LEU D 134 -17.83 19.53 -19.13
C LEU D 134 -18.15 18.19 -18.45
N GLY D 135 -17.87 18.12 -17.15
CA GLY D 135 -18.31 16.98 -16.30
C GLY D 135 -17.24 15.95 -15.97
N GLY D 136 -15.99 16.31 -16.23
CA GLY D 136 -14.85 15.50 -15.91
C GLY D 136 -14.36 14.58 -16.97
N ALA D 137 -13.23 13.96 -16.70
CA ALA D 137 -12.54 13.11 -17.66
C ALA D 137 -13.37 11.94 -18.15
N ALA D 138 -14.01 11.21 -17.24
CA ALA D 138 -14.82 10.07 -17.66
C ALA D 138 -15.94 10.43 -18.62
N GLU D 139 -16.67 11.51 -18.33
CA GLU D 139 -17.69 12.03 -19.23
C GLU D 139 -17.13 12.33 -20.62
N LEU D 140 -15.96 12.98 -20.68
CA LEU D 140 -15.34 13.27 -21.99
C LEU D 140 -14.87 12.00 -22.71
N ASN D 141 -14.31 11.06 -21.96
CA ASN D 141 -13.86 9.80 -22.53
C ASN D 141 -14.98 9.02 -23.19
N GLN D 142 -16.15 9.01 -22.57
CA GLN D 142 -17.31 8.40 -23.19
C GLN D 142 -17.73 9.12 -24.48
N GLN D 143 -17.68 10.46 -24.48
CA GLN D 143 -18.03 11.24 -25.68
C GLN D 143 -17.03 10.90 -26.78
N PHE D 144 -15.75 10.84 -26.43
CA PHE D 144 -14.74 10.44 -27.40
C PHE D 144 -15.04 9.09 -28.04
N GLN D 145 -15.39 8.09 -27.21
CA GLN D 145 -15.78 6.77 -27.75
C GLN D 145 -16.97 6.85 -28.69
N GLU D 146 -17.96 7.68 -28.34
CA GLU D 146 -19.18 7.85 -29.16
C GLU D 146 -18.93 8.47 -30.54
N TRP D 147 -17.88 9.29 -30.62
CA TRP D 147 -17.45 9.87 -31.89
C TRP D 147 -16.61 8.91 -32.71
N GLY D 148 -16.33 7.74 -32.17
CA GLY D 148 -15.50 6.76 -32.85
C GLY D 148 -14.02 6.90 -32.66
N LEU D 149 -13.63 7.70 -31.67
CA LEU D 149 -12.26 7.79 -31.34
C LEU D 149 -12.06 6.54 -30.53
N GLU D 150 -11.09 5.76 -30.93
CA GLU D 150 -10.89 4.46 -30.34
C GLU D 150 -9.90 4.54 -29.19
N ASN D 151 -8.92 5.44 -29.33
CA ASN D 151 -7.77 5.48 -28.45
C ASN D 151 -7.51 6.83 -27.78
N THR D 152 -8.55 7.64 -27.64
CA THR D 152 -8.41 9.01 -27.13
C THR D 152 -9.01 9.04 -25.74
N VAL D 153 -8.12 9.10 -24.75
CA VAL D 153 -8.44 8.92 -23.35
C VAL D 153 -7.74 9.94 -22.46
N ILE D 154 -8.52 10.66 -21.66
CA ILE D 154 -8.02 11.49 -20.57
C ILE D 154 -7.95 10.63 -19.28
N ASN D 155 -6.72 10.43 -18.83
CA ASN D 155 -6.41 9.72 -17.63
C ASN D 155 -6.00 10.65 -16.49
N ASN D 156 -5.48 11.84 -16.82
CA ASN D 156 -4.99 12.73 -15.79
C ASN D 156 -5.10 14.21 -16.17
N PRO D 157 -5.12 15.09 -15.16
CA PRO D 157 -5.21 16.51 -15.44
C PRO D 157 -3.96 17.03 -16.13
N GLU D 158 -4.09 18.20 -16.75
CA GLU D 158 -2.98 18.81 -17.43
C GLU D 158 -2.08 19.54 -16.46
N PRO D 159 -0.79 19.67 -16.79
CA PRO D 159 -0.08 19.30 -18.04
C PRO D 159 0.20 17.82 -18.38
N ASP D 160 -0.10 16.89 -17.49
CA ASP D 160 0.13 15.46 -17.77
C ASP D 160 1.49 15.21 -18.44
N MET D 161 2.58 15.70 -17.84
CA MET D 161 3.90 15.60 -18.49
C MET D 161 4.42 14.14 -18.58
N LYS D 162 3.88 13.25 -17.76
CA LYS D 162 4.13 11.81 -17.83
C LYS D 162 3.53 11.13 -19.04
N GLY D 163 2.56 11.78 -19.70
CA GLY D 163 2.02 11.26 -20.96
C GLY D 163 1.02 10.14 -20.81
N THR D 164 0.15 10.24 -19.81
CA THR D 164 -0.84 9.20 -19.57
C THR D 164 -2.10 9.37 -20.39
N ASN D 165 -2.35 10.59 -20.84
CA ASN D 165 -3.50 10.86 -21.70
C ASN D 165 -3.12 10.37 -23.09
N THR D 166 -4.03 9.67 -23.79
CA THR D 166 -3.65 9.08 -25.08
C THR D 166 -4.52 9.56 -26.27
N THR D 167 -4.02 9.32 -27.48
CA THR D 167 -4.79 9.51 -28.72
C THR D 167 -4.09 8.71 -29.81
N SER D 168 -4.60 8.79 -31.04
CA SER D 168 -3.92 8.27 -32.20
C SER D 168 -4.05 9.31 -33.32
N PRO D 169 -3.11 9.26 -34.30
CA PRO D 169 -3.24 10.19 -35.41
C PRO D 169 -4.57 10.04 -36.11
N ARG D 170 -5.01 8.79 -36.33
CA ARG D 170 -6.29 8.59 -37.02
C ARG D 170 -7.46 9.12 -36.22
N ASP D 171 -7.45 9.00 -34.91
CA ASP D 171 -8.49 9.57 -34.06
C ASP D 171 -8.62 11.07 -34.27
N LEU D 172 -7.50 11.77 -34.17
CA LEU D 172 -7.53 13.22 -34.29
C LEU D 172 -7.98 13.67 -35.68
N ALA D 173 -7.35 13.08 -36.70
CA ALA D 173 -7.64 13.50 -38.08
C ALA D 173 -9.09 13.15 -38.43
N THR D 174 -9.60 12.00 -37.96
CA THR D 174 -10.96 11.60 -38.32
C THR D 174 -11.99 12.46 -37.63
N LEU D 175 -11.72 12.87 -36.40
CA LEU D 175 -12.58 13.88 -35.70
C LEU D 175 -12.65 15.16 -36.52
N MET D 176 -11.51 15.63 -36.98
CA MET D 176 -11.50 16.82 -37.80
C MET D 176 -12.19 16.63 -39.12
N LEU D 177 -12.05 15.45 -39.71
CA LEU D 177 -12.70 15.15 -40.99
C LEU D 177 -14.21 15.22 -40.81
N LYS D 178 -14.76 14.61 -39.76
CA LYS D 178 -16.20 14.64 -39.50
C LYS D 178 -16.72 16.06 -39.37
N ILE D 179 -16.01 16.88 -38.61
CA ILE D 179 -16.30 18.32 -38.48
C ILE D 179 -16.26 19.01 -39.82
N GLY D 180 -15.25 18.78 -40.63
CA GLY D 180 -15.13 19.44 -41.98
C GLY D 180 -16.27 19.03 -42.90
N GLN D 181 -16.76 17.81 -42.72
CA GLN D 181 -17.89 17.33 -43.52
C GLN D 181 -19.22 17.91 -43.03
N GLY D 182 -19.19 18.63 -41.92
CA GLY D 182 -20.39 19.21 -41.37
C GLY D 182 -21.04 18.50 -40.23
N GLU D 183 -20.41 17.45 -39.67
CA GLU D 183 -20.93 16.67 -38.60
C GLU D 183 -20.42 17.18 -37.24
N ILE D 184 -21.09 16.71 -36.20
CA ILE D 184 -20.77 16.86 -34.79
C ILE D 184 -21.07 18.26 -34.26
N LEU D 185 -20.51 19.27 -34.92
CA LEU D 185 -20.72 20.64 -34.52
C LEU D 185 -21.64 21.40 -35.49
N SER D 186 -22.36 22.37 -34.94
CA SER D 186 -23.15 23.33 -35.70
C SER D 186 -22.21 24.11 -36.62
N PRO D 187 -22.75 24.69 -37.69
CA PRO D 187 -21.91 25.54 -38.56
C PRO D 187 -21.20 26.65 -37.79
N ARG D 188 -21.94 27.31 -36.91
CA ARG D 188 -21.41 28.41 -36.05
C ARG D 188 -20.26 27.97 -35.18
N SER D 189 -20.42 26.83 -34.56
CA SER D 189 -19.41 26.27 -33.69
C SER D 189 -18.20 25.76 -34.54
N ARG D 190 -18.43 25.19 -35.73
CA ARG D 190 -17.33 24.78 -36.55
C ARG D 190 -16.51 26.01 -36.91
N ASP D 191 -17.20 27.11 -37.25
CA ASP D 191 -16.49 28.35 -37.63
C ASP D 191 -15.60 28.83 -36.50
N ARG D 192 -16.12 28.81 -35.29
CA ARG D 192 -15.38 29.36 -34.16
C ARG D 192 -14.25 28.44 -33.74
N LEU D 193 -14.51 27.15 -33.73
CA LEU D 193 -13.46 26.15 -33.49
C LEU D 193 -12.26 26.33 -34.42
N LEU D 194 -12.55 26.42 -35.69
CA LEU D 194 -11.50 26.58 -36.68
C LEU D 194 -10.81 27.92 -36.54
N ASP D 195 -11.55 29.00 -36.35
CA ASP D 195 -10.93 30.33 -36.11
C ASP D 195 -9.95 30.26 -34.92
N ILE D 196 -10.40 29.74 -33.77
CA ILE D 196 -9.53 29.61 -32.59
C ILE D 196 -8.27 28.81 -32.95
N MET D 197 -8.42 27.70 -33.64
CA MET D 197 -7.33 26.79 -33.98
C MET D 197 -6.35 27.28 -35.06
N ARG D 198 -6.75 28.33 -35.74
CA ARG D 198 -5.91 29.07 -36.65
C ARG D 198 -5.10 30.17 -35.93
N ARG D 199 -5.36 30.42 -34.65
CA ARG D 199 -4.69 31.46 -33.87
C ARG D 199 -3.81 30.92 -32.77
N THR D 200 -3.32 29.70 -32.92
CA THR D 200 -2.34 29.21 -31.94
C THR D 200 -0.98 29.84 -32.19
N VAL D 201 -0.12 29.72 -31.19
CA VAL D 201 1.18 30.37 -31.19
C VAL D 201 2.32 29.41 -31.40
N THR D 202 1.99 28.15 -31.68
CA THR D 202 3.00 27.14 -31.94
C THR D 202 2.78 26.49 -33.29
N ASN D 203 3.59 26.90 -34.27
CA ASN D 203 3.35 26.62 -35.70
C ASN D 203 4.54 26.04 -36.41
N THR D 204 5.39 25.36 -35.63
CA THR D 204 6.60 24.83 -36.13
C THR D 204 6.56 23.39 -36.71
N LEU D 205 5.39 22.77 -36.66
CA LEU D 205 5.27 21.40 -37.07
C LEU D 205 4.50 21.34 -38.38
N LEU D 206 3.24 20.91 -38.36
CA LEU D 206 2.48 20.84 -39.63
C LEU D 206 2.50 22.11 -40.50
N PRO D 207 2.29 23.29 -39.90
CA PRO D 207 2.20 24.47 -40.72
C PRO D 207 3.48 24.77 -41.47
N ALA D 208 4.61 24.33 -40.92
CA ALA D 208 5.85 24.70 -41.50
C ALA D 208 6.11 23.96 -42.78
N GLY D 209 5.36 22.90 -43.09
CA GLY D 209 5.48 22.28 -44.40
C GLY D 209 4.50 22.71 -45.45
N LEU D 210 3.64 23.68 -45.15
CA LEU D 210 2.60 24.08 -46.10
C LEU D 210 3.11 25.18 -47.06
N GLY D 211 2.53 25.22 -48.25
CA GLY D 211 2.89 26.23 -49.24
C GLY D 211 2.26 27.58 -48.93
N LYS D 212 2.69 28.61 -49.67
CA LYS D 212 2.19 29.98 -49.42
C LYS D 212 0.69 30.09 -49.69
N GLY D 213 0.00 30.77 -48.81
CA GLY D 213 -1.43 30.96 -48.97
C GLY D 213 -2.28 29.90 -48.30
N ALA D 214 -1.71 28.76 -47.92
CA ALA D 214 -2.45 27.73 -47.20
C ALA D 214 -2.67 28.20 -45.79
N THR D 215 -3.77 27.76 -45.20
CA THR D 215 -4.05 28.00 -43.79
C THR D 215 -4.27 26.69 -43.09
N ILE D 216 -4.12 26.68 -41.76
CA ILE D 216 -4.28 25.47 -41.01
C ILE D 216 -4.82 25.77 -39.63
N ALA D 217 -5.87 25.04 -39.29
CA ALA D 217 -6.49 25.05 -37.97
C ALA D 217 -5.92 23.85 -37.25
N HIS D 218 -5.20 23.99 -36.15
CA HIS D 218 -4.47 22.81 -35.64
C HIS D 218 -4.16 23.01 -34.15
N LYS D 219 -3.73 21.90 -33.52
CA LYS D 219 -3.22 22.01 -32.15
C LYS D 219 -2.02 21.08 -31.95
N THR D 220 -0.96 21.68 -31.50
CA THR D 220 0.30 20.99 -31.28
C THR D 220 0.28 20.37 -29.88
N GLY D 221 1.10 19.34 -29.72
CA GLY D 221 1.46 18.86 -28.39
C GLY D 221 2.91 18.47 -28.31
N ASP D 222 3.53 18.79 -27.17
CA ASP D 222 4.92 18.43 -26.94
C ASP D 222 5.13 18.24 -25.45
N ILE D 223 5.50 17.03 -25.06
CA ILE D 223 5.88 16.74 -23.67
C ILE D 223 7.33 16.28 -23.63
N GLY D 224 8.14 16.64 -24.63
CA GLY D 224 9.58 16.30 -24.59
C GLY D 224 9.83 14.95 -25.25
N ILE D 225 9.28 13.88 -24.70
CA ILE D 225 9.47 12.56 -25.32
C ILE D 225 8.40 12.19 -26.34
N VAL D 226 7.41 13.07 -26.51
CA VAL D 226 6.42 12.94 -27.61
C VAL D 226 6.13 14.33 -28.11
N VAL D 227 6.13 14.44 -29.43
CA VAL D 227 5.72 15.68 -30.11
C VAL D 227 4.72 15.34 -31.24
N GLY D 228 3.74 16.22 -31.47
CA GLY D 228 2.74 15.92 -32.47
C GLY D 228 1.90 17.15 -32.80
N ASP D 229 1.00 16.97 -33.76
CA ASP D 229 0.22 18.07 -34.29
C ASP D 229 -0.89 17.48 -35.11
N ALA D 230 -2.06 18.11 -35.05
CA ALA D 230 -3.19 17.65 -35.84
C ALA D 230 -4.03 18.83 -36.27
N GLY D 231 -4.59 18.77 -37.47
CA GLY D 231 -5.52 19.82 -37.90
C GLY D 231 -6.07 19.65 -39.28
N MET D 232 -6.63 20.77 -39.74
CA MET D 232 -7.28 20.86 -41.04
C MET D 232 -6.65 21.96 -41.86
N VAL D 233 -6.16 21.58 -43.03
CA VAL D 233 -5.47 22.48 -43.96
C VAL D 233 -6.40 22.92 -45.10
N ASP D 234 -6.49 24.23 -45.33
CA ASP D 234 -7.17 24.76 -46.51
C ASP D 234 -6.11 25.27 -47.48
N MET D 235 -6.08 24.69 -48.69
CA MET D 235 -5.09 25.03 -49.70
C MET D 235 -5.69 26.13 -50.59
N PRO D 236 -4.84 26.99 -51.17
CA PRO D 236 -5.34 28.04 -52.05
C PRO D 236 -6.03 27.53 -53.32
N ASN D 237 -5.75 26.28 -53.71
CA ASN D 237 -6.44 25.65 -54.82
C ASN D 237 -7.89 25.25 -54.50
N GLY D 238 -8.34 25.53 -53.27
CA GLY D 238 -9.71 25.20 -52.85
C GLY D 238 -9.87 23.91 -52.09
N GLN D 239 -8.84 23.07 -52.05
CA GLN D 239 -8.93 21.77 -51.38
C GLN D 239 -8.77 21.88 -49.87
N ARG D 240 -9.41 20.98 -49.15
CA ARG D 240 -9.33 20.89 -47.69
C ARG D 240 -8.87 19.49 -47.37
N TYR D 241 -7.91 19.36 -46.47
CA TYR D 241 -7.51 18.05 -45.97
C TYR D 241 -7.25 18.05 -44.49
N VAL D 242 -7.30 16.86 -43.89
CA VAL D 242 -6.98 16.72 -42.47
C VAL D 242 -5.66 15.99 -42.38
N ALA D 243 -4.98 16.26 -41.29
CA ALA D 243 -3.60 15.82 -41.05
C ALA D 243 -3.39 15.59 -39.56
N ALA D 244 -2.72 14.51 -39.20
CA ALA D 244 -2.31 14.27 -37.82
C ALA D 244 -1.02 13.46 -37.84
N MET D 245 -0.06 13.86 -37.00
CA MET D 245 1.15 13.09 -36.84
C MET D 245 1.70 13.20 -35.42
N MET D 246 2.15 12.07 -34.89
CA MET D 246 2.73 11.98 -33.54
C MET D 246 4.05 11.26 -33.67
N VAL D 247 5.01 11.72 -32.87
CA VAL D 247 6.37 11.17 -32.88
C VAL D 247 6.88 10.98 -31.48
N LYS D 248 7.16 9.72 -31.11
CA LYS D 248 7.92 9.44 -29.90
C LYS D 248 9.40 9.63 -30.20
N ARG D 249 10.09 10.29 -29.28
CA ARG D 249 11.46 10.67 -29.53
C ARG D 249 12.27 10.71 -28.22
N PRO D 250 13.61 10.68 -28.32
CA PRO D 250 14.40 11.13 -27.17
C PRO D 250 14.02 12.56 -26.78
N TYR D 251 14.13 12.85 -25.48
CA TYR D 251 13.65 14.09 -24.92
C TYR D 251 14.09 15.29 -25.76
N ASN D 252 13.13 16.07 -26.24
CA ASN D 252 13.38 17.26 -27.05
C ASN D 252 14.20 17.09 -28.34
N ASP D 253 14.31 15.87 -28.88
CA ASP D 253 15.14 15.59 -30.06
C ASP D 253 14.62 16.37 -31.27
N PRO D 254 15.43 17.29 -31.84
CA PRO D 254 14.92 18.09 -32.98
C PRO D 254 14.60 17.25 -34.22
N ARG D 255 15.14 16.05 -34.33
CA ARG D 255 14.77 15.20 -35.44
C ARG D 255 13.28 14.89 -35.47
N GLY D 256 12.65 14.75 -34.31
CA GLY D 256 11.22 14.42 -34.26
C GLY D 256 10.35 15.52 -34.83
N SER D 257 10.65 16.75 -34.45
CA SER D 257 9.95 17.89 -35.04
C SER D 257 10.20 18.06 -36.54
N GLU D 258 11.42 17.89 -36.98
CA GLU D 258 11.78 17.97 -38.40
C GLU D 258 11.07 16.91 -39.24
N LEU D 259 10.92 15.73 -38.66
CA LEU D 259 10.24 14.66 -39.33
C LEU D 259 8.77 15.03 -39.62
N ILE D 260 8.09 15.64 -38.65
CA ILE D 260 6.72 16.15 -38.92
C ILE D 260 6.72 17.19 -40.05
N ARG D 261 7.68 18.11 -40.03
CA ARG D 261 7.77 19.12 -41.10
C ARG D 261 7.96 18.54 -42.49
N GLN D 262 8.82 17.52 -42.57
CA GLN D 262 9.12 16.88 -43.83
C GLN D 262 7.92 16.11 -44.34
N VAL D 263 7.25 15.37 -43.47
CA VAL D 263 6.06 14.65 -43.91
C VAL D 263 4.96 15.64 -44.34
N SER D 264 4.79 16.70 -43.57
CA SER D 264 3.79 17.71 -43.92
C SER D 264 4.03 18.25 -45.32
N ARG D 265 5.28 18.54 -45.60
CA ARG D 265 5.64 19.08 -46.88
C ARG D 265 5.43 18.09 -48.01
N MET D 266 5.84 16.84 -47.82
CA MET D 266 5.64 15.79 -48.81
C MET D 266 4.16 15.65 -49.18
N VAL D 267 3.30 15.67 -48.17
CA VAL D 267 1.86 15.50 -48.45
C VAL D 267 1.31 16.75 -49.11
N TYR D 268 1.71 17.92 -48.65
CA TYR D 268 1.19 19.16 -49.25
C TYR D 268 1.55 19.19 -50.72
N GLN D 269 2.81 18.88 -51.04
CA GLN D 269 3.26 18.94 -52.41
C GLN D 269 2.54 17.90 -53.28
N ALA D 270 2.27 16.72 -52.71
CA ALA D 270 1.53 15.66 -53.41
C ALA D 270 0.14 16.14 -53.80
N PHE D 271 -0.52 16.76 -52.86
CA PHE D 271 -1.86 17.26 -53.11
C PHE D 271 -1.89 18.45 -54.07
N GLU D 272 -0.87 19.27 -54.11
CA GLU D 272 -0.90 20.40 -55.02
C GLU D 272 -0.58 19.98 -56.45
N LYS D 273 0.08 18.84 -56.64
CA LYS D 273 0.45 18.36 -57.98
C LYS D 273 -0.46 17.24 -58.50
N LEU D 274 -1.43 16.81 -57.70
CA LEU D 274 -2.41 15.80 -58.15
C LEU D 274 -3.61 16.44 -58.84
N SER D 275 -3.78 17.76 -58.67
CA SER D 275 -4.82 18.50 -59.42
C SER D 275 -4.26 19.00 -60.77
N PRO D 276 -4.62 18.31 -61.90
CA PRO D 276 -4.03 18.54 -63.23
C PRO D 276 -3.49 19.96 -63.50
C1 GOL E . -15.39 -22.98 11.65
O1 GOL E . -15.43 -22.01 10.60
C2 GOL E . -14.36 -24.01 11.40
O2 GOL E . -14.93 -25.04 10.76
C3 GOL E . -13.61 -24.57 12.61
O3 GOL E . -13.47 -26.02 12.67
C1 GOL F . 20.02 7.27 1.90
O1 GOL F . 21.21 6.53 2.11
C2 GOL F . 19.62 7.99 3.15
O2 GOL F . 19.55 9.31 2.83
C3 GOL F . 20.60 7.76 4.24
O3 GOL F . 20.13 7.71 5.54
C1 GOL G . 2.47 22.67 -24.73
O1 GOL G . 1.35 22.88 -23.94
C2 GOL G . 2.21 21.83 -25.97
O2 GOL G . 3.08 20.77 -26.15
C3 GOL G . 2.31 22.66 -27.15
O3 GOL G . 2.97 21.94 -28.14
#